data_8GY8
#
_entry.id   8GY8
#
_cell.length_a   82.250
_cell.length_b   110.490
_cell.length_c   126.140
_cell.angle_alpha   90.000
_cell.angle_beta   90.000
_cell.angle_gamma   90.000
#
_symmetry.space_group_name_H-M   'P 21 21 21'
#
loop_
_entity.id
_entity.type
_entity.pdbx_description
1 polymer 'Putative translation initiation factor (IF-2 homolog)'
2 non-polymer 'SULFATE ION'
3 water water
#
_entity_poly.entity_id   1
_entity_poly.type   'polypeptide(L)'
_entity_poly.pdbx_seq_one_letter_code
;MLPKELLDATRRRGKIYLKFASEEHFRLARAVILAFKSSVGQKYEDLQEKLRHMERAENYRKVRGFAKILERESEFTTSS
SLDPLEVRRFLFSRGYVTSEIERAKIIAEAATYFNTTPEEIERAMFADREEEKILTRVPGISEEELIRRYNLSLLQTLMF
NSARMSFRVSENHKRIFRLIKLLGLMYEISGENIEITGPASILKMTRKYGTSMAKLIPEIVKAKEWAIKAEIIEDKRVYF
FELSSEDDILLPKLEVSVEYDSSLEREFVTKIKRILGVEVIREPGIIKAGQYAYIPDFLIRKNGKEVYVEIAGFWTRSYI
KSKLEKLSNVDVKMLIIVNDELLADKLGKIHDVIVMRKGKIPYKEVILKLKEMLN
;
_entity_poly.pdbx_strand_id   A,B
#
loop_
_chem_comp.id
_chem_comp.type
_chem_comp.name
_chem_comp.formula
SO4 non-polymer 'SULFATE ION' 'O4 S -2'
#
# COMPACT_ATOMS: atom_id res chain seq x y z
N MET A 1 3.05 -5.14 14.35
CA MET A 1 4.06 -6.20 14.32
C MET A 1 3.84 -7.17 15.47
N LEU A 2 2.73 -7.91 15.41
CA LEU A 2 2.37 -8.85 16.48
C LEU A 2 3.55 -9.74 16.83
N PRO A 3 4.08 -10.60 15.90
CA PRO A 3 5.11 -11.59 16.30
C PRO A 3 6.22 -11.07 17.19
N LYS A 4 6.85 -9.96 16.79
CA LYS A 4 7.89 -9.38 17.62
C LYS A 4 7.36 -9.05 19.02
N GLU A 5 6.21 -8.39 19.09
CA GLU A 5 5.65 -8.03 20.39
C GLU A 5 5.52 -9.26 21.29
N LEU A 6 4.85 -10.31 20.82
CA LEU A 6 4.66 -11.46 21.70
C LEU A 6 5.97 -12.21 21.97
N LEU A 7 7.03 -11.98 21.19
CA LEU A 7 8.21 -12.83 21.33
C LEU A 7 9.53 -12.13 21.62
N ASP A 8 9.78 -10.87 21.22
CA ASP A 8 11.04 -10.25 21.61
C ASP A 8 10.83 -9.13 22.62
N ALA A 9 9.73 -9.20 23.36
CA ALA A 9 9.52 -8.34 24.51
C ALA A 9 8.98 -9.18 25.64
N THR A 10 9.19 -8.70 26.86
CA THR A 10 8.59 -9.30 28.04
C THR A 10 7.79 -8.23 28.75
N ARG A 11 6.66 -8.64 29.31
CA ARG A 11 5.76 -7.72 30.01
C ARG A 11 5.64 -8.17 31.46
N ARG A 12 5.74 -7.21 32.38
CA ARG A 12 5.57 -7.53 33.80
C ARG A 12 5.18 -6.29 34.58
N ARG A 13 4.09 -6.39 35.33
CA ARG A 13 3.64 -5.35 36.26
C ARG A 13 3.47 -4.00 35.56
N GLY A 14 2.83 -4.03 34.38
CA GLY A 14 2.60 -2.81 33.63
C GLY A 14 3.80 -2.23 32.92
N LYS A 15 4.91 -2.94 32.87
CA LYS A 15 6.11 -2.48 32.19
C LYS A 15 6.44 -3.45 31.06
N ILE A 16 7.06 -2.94 30.01
CA ILE A 16 7.45 -3.74 28.87
C ILE A 16 8.93 -3.53 28.64
N TYR A 17 9.64 -4.63 28.37
CA TYR A 17 11.08 -4.63 28.16
C TYR A 17 11.39 -5.34 26.85
N LEU A 18 12.46 -4.91 26.20
CA LEU A 18 12.83 -5.50 24.92
C LEU A 18 13.93 -6.53 25.15
N LYS A 19 13.92 -7.61 24.36
CA LYS A 19 14.91 -8.67 24.50
C LYS A 19 16.08 -8.36 23.56
N PHE A 20 16.88 -7.38 23.97
CA PHE A 20 17.99 -6.92 23.15
C PHE A 20 19.06 -8.01 23.08
N ALA A 21 19.81 -8.01 21.98
CA ALA A 21 20.99 -8.86 21.88
C ALA A 21 22.19 -8.19 22.55
N SER A 22 23.14 -9.01 22.99
CA SER A 22 24.35 -8.52 23.63
C SER A 22 25.53 -9.35 23.14
N GLU A 23 26.70 -9.15 23.76
CA GLU A 23 27.87 -9.94 23.37
C GLU A 23 27.66 -11.43 23.57
N GLU A 24 26.76 -11.83 24.47
CA GLU A 24 26.39 -13.22 24.61
C GLU A 24 25.86 -13.82 23.31
N HIS A 25 25.38 -13.00 22.38
CA HIS A 25 24.84 -13.49 21.13
C HIS A 25 25.87 -13.44 20.00
N PHE A 26 27.14 -13.21 20.32
CA PHE A 26 28.18 -13.19 19.30
C PHE A 26 28.16 -14.46 18.44
N ARG A 27 28.13 -15.64 19.08
CA ARG A 27 28.21 -16.89 18.33
C ARG A 27 26.99 -17.08 17.44
N LEU A 28 25.83 -16.65 17.90
CA LEU A 28 24.63 -16.75 17.08
C LEU A 28 24.72 -15.82 15.88
N ALA A 29 25.15 -14.58 16.10
CA ALA A 29 25.31 -13.64 14.99
C ALA A 29 26.29 -14.19 13.96
N ARG A 30 27.40 -14.76 14.43
CA ARG A 30 28.36 -15.36 13.52
C ARG A 30 27.76 -16.52 12.74
N ALA A 31 26.95 -17.36 13.41
CA ALA A 31 26.33 -18.49 12.73
C ALA A 31 25.40 -18.02 11.61
N VAL A 32 24.69 -16.91 11.83
CA VAL A 32 23.82 -16.41 10.75
C VAL A 32 24.67 -15.86 9.62
N ILE A 33 25.74 -15.12 9.94
CA ILE A 33 26.66 -14.65 8.91
C ILE A 33 27.21 -15.82 8.09
N LEU A 34 27.56 -16.91 8.77
CA LEU A 34 28.11 -18.08 8.07
C LEU A 34 27.06 -18.73 7.17
N ALA A 35 25.79 -18.77 7.61
CA ALA A 35 24.74 -19.29 6.75
C ALA A 35 24.60 -18.46 5.48
N PHE A 36 24.73 -17.12 5.59
CA PHE A 36 24.66 -16.27 4.41
C PHE A 36 25.88 -16.46 3.51
N LYS A 37 27.09 -16.48 4.09
CA LYS A 37 28.28 -16.70 3.28
C LYS A 37 28.21 -18.03 2.54
N SER A 38 27.72 -19.09 3.20
CA SER A 38 27.64 -20.40 2.56
C SER A 38 26.60 -20.44 1.46
N SER A 39 25.64 -19.52 1.46
CA SER A 39 24.56 -19.54 0.48
C SER A 39 24.86 -18.67 -0.74
N VAL A 40 26.04 -18.04 -0.81
CA VAL A 40 26.37 -17.24 -1.98
C VAL A 40 26.41 -18.15 -3.21
N GLY A 41 25.78 -17.73 -4.28
CA GLY A 41 25.66 -18.55 -5.46
C GLY A 41 24.49 -19.50 -5.45
N GLN A 42 23.72 -19.55 -4.37
CA GLN A 42 22.58 -20.43 -4.23
C GLN A 42 21.30 -19.60 -4.15
N LYS A 43 20.17 -20.29 -4.35
CA LYS A 43 18.87 -19.65 -4.34
C LYS A 43 18.47 -19.24 -2.94
N TYR A 44 17.63 -18.20 -2.88
CA TYR A 44 17.12 -17.72 -1.59
C TYR A 44 16.43 -18.84 -0.82
N GLU A 45 15.74 -19.74 -1.53
CA GLU A 45 15.12 -20.90 -0.91
C GLU A 45 16.13 -21.75 -0.14
N ASP A 46 17.35 -21.90 -0.68
CA ASP A 46 18.35 -22.70 0.01
C ASP A 46 18.86 -22.00 1.26
N LEU A 47 19.03 -20.67 1.19
CA LEU A 47 19.36 -19.90 2.38
C LEU A 47 18.31 -20.05 3.48
N GLN A 48 17.03 -19.93 3.12
CA GLN A 48 15.99 -20.03 4.12
C GLN A 48 15.97 -21.40 4.78
N GLU A 49 16.24 -22.47 4.03
CA GLU A 49 16.28 -23.81 4.64
C GLU A 49 17.44 -23.92 5.63
N LYS A 50 18.60 -23.34 5.31
CA LYS A 50 19.70 -23.30 6.27
C LYS A 50 19.30 -22.59 7.54
N LEU A 51 18.62 -21.44 7.42
CA LEU A 51 18.21 -20.69 8.60
C LEU A 51 17.19 -21.47 9.43
N ARG A 52 16.22 -22.10 8.77
N ARG A 52 16.24 -22.12 8.77
CA ARG A 52 15.24 -22.90 9.49
CA ARG A 52 15.24 -22.89 9.51
C ARG A 52 15.90 -24.04 10.25
C ARG A 52 15.90 -24.04 10.26
N HIS A 53 16.94 -24.63 9.67
CA HIS A 53 17.64 -25.76 10.28
C HIS A 53 18.37 -25.34 11.56
N MET A 54 18.87 -24.10 11.63
CA MET A 54 19.56 -23.68 12.84
C MET A 54 18.62 -23.12 13.89
N GLU A 55 17.34 -22.96 13.57
CA GLU A 55 16.42 -22.32 14.49
C GLU A 55 15.96 -23.26 15.59
N ARG A 56 15.96 -22.75 16.82
CA ARG A 56 15.43 -23.47 17.97
C ARG A 56 14.54 -22.48 18.72
N ALA A 57 13.69 -23.03 19.59
CA ALA A 57 12.79 -22.18 20.36
C ALA A 57 13.53 -20.99 20.98
N GLU A 58 14.71 -21.26 21.54
CA GLU A 58 15.45 -20.24 22.28
C GLU A 58 16.03 -19.16 21.37
N ASN A 59 16.43 -19.51 20.16
CA ASN A 59 17.15 -18.56 19.29
C ASN A 59 16.33 -18.08 18.10
N TYR A 60 15.10 -18.59 17.94
CA TYR A 60 14.32 -18.37 16.72
C TYR A 60 14.22 -16.90 16.34
N ARG A 61 13.84 -16.05 17.29
CA ARG A 61 13.58 -14.65 16.99
C ARG A 61 14.85 -13.92 16.56
N LYS A 62 15.97 -14.20 17.24
CA LYS A 62 17.21 -13.53 16.88
C LYS A 62 17.73 -14.03 15.54
N VAL A 63 17.61 -15.33 15.27
CA VAL A 63 18.01 -15.85 13.96
C VAL A 63 17.22 -15.15 12.86
N ARG A 64 15.89 -15.12 12.99
CA ARG A 64 15.04 -14.41 12.04
C ARG A 64 15.44 -12.94 11.94
N GLY A 65 15.62 -12.28 13.10
CA GLY A 65 15.90 -10.85 13.08
C GLY A 65 17.28 -10.52 12.54
N PHE A 66 18.30 -11.30 12.92
CA PHE A 66 19.63 -11.14 12.33
C PHE A 66 19.58 -11.35 10.82
N ALA A 67 18.86 -12.38 10.38
CA ALA A 67 18.82 -12.70 8.95
C ALA A 67 18.09 -11.61 8.18
N LYS A 68 17.03 -11.03 8.77
CA LYS A 68 16.35 -9.90 8.13
C LYS A 68 17.31 -8.75 7.88
N ILE A 69 18.17 -8.43 8.84
CA ILE A 69 19.17 -7.36 8.67
C ILE A 69 20.12 -7.70 7.53
N LEU A 70 20.67 -8.91 7.53
CA LEU A 70 21.62 -9.30 6.51
C LEU A 70 20.96 -9.34 5.13
N GLU A 71 19.73 -9.86 5.07
CA GLU A 71 19.03 -9.92 3.79
C GLU A 71 18.83 -8.53 3.21
N ARG A 72 18.50 -7.55 4.06
CA ARG A 72 18.24 -6.20 3.57
C ARG A 72 19.48 -5.58 2.94
N GLU A 73 20.66 -5.91 3.45
CA GLU A 73 21.92 -5.36 2.95
C GLU A 73 22.62 -6.27 1.94
N SER A 74 21.98 -7.37 1.54
CA SER A 74 22.53 -8.33 0.61
C SER A 74 22.03 -8.03 -0.80
N GLU A 75 22.74 -8.54 -1.79
CA GLU A 75 22.37 -8.38 -3.19
C GLU A 75 21.93 -9.73 -3.76
N PHE A 76 20.75 -9.75 -4.35
CA PHE A 76 20.21 -10.92 -5.02
C PHE A 76 20.05 -10.61 -6.51
N THR A 77 20.17 -11.64 -7.35
CA THR A 77 20.04 -11.50 -8.78
C THR A 77 19.20 -12.63 -9.34
N THR A 78 18.55 -12.36 -10.48
CA THR A 78 17.86 -13.41 -11.20
C THR A 78 18.87 -14.42 -11.75
N SER A 79 18.43 -15.67 -11.86
CA SER A 79 19.32 -16.79 -12.15
C SER A 79 19.58 -17.00 -13.63
N SER A 80 19.01 -16.18 -14.51
CA SER A 80 19.17 -16.38 -15.94
C SER A 80 19.30 -15.02 -16.62
N SER A 81 19.96 -15.05 -17.78
CA SER A 81 20.00 -13.88 -18.64
C SER A 81 18.69 -13.68 -19.39
N LEU A 82 17.88 -14.72 -19.49
CA LEU A 82 16.63 -14.64 -20.23
C LEU A 82 15.56 -13.93 -19.42
N ASP A 83 14.63 -13.28 -20.11
CA ASP A 83 13.51 -12.65 -19.44
C ASP A 83 12.49 -13.73 -19.10
N PRO A 84 12.25 -14.01 -17.81
CA PRO A 84 11.27 -15.06 -17.44
C PRO A 84 9.89 -14.85 -18.05
N LEU A 85 9.46 -13.58 -18.16
CA LEU A 85 8.16 -13.30 -18.75
C LEU A 85 8.13 -13.67 -20.22
N GLU A 86 9.22 -13.40 -20.95
CA GLU A 86 9.26 -13.75 -22.36
C GLU A 86 9.38 -15.25 -22.56
N VAL A 87 10.11 -15.94 -21.67
CA VAL A 87 10.20 -17.40 -21.72
C VAL A 87 8.83 -18.03 -21.50
N ARG A 88 8.11 -17.60 -20.43
CA ARG A 88 6.78 -18.15 -20.17
C ARG A 88 5.79 -17.80 -21.28
N ARG A 89 5.85 -16.57 -21.78
CA ARG A 89 5.01 -16.22 -22.93
C ARG A 89 5.22 -17.20 -24.08
N PHE A 90 6.49 -17.47 -24.44
CA PHE A 90 6.77 -18.42 -25.52
C PHE A 90 6.22 -19.81 -25.19
N LEU A 91 6.53 -20.32 -23.99
CA LEU A 91 6.09 -21.68 -23.63
C LEU A 91 4.57 -21.78 -23.62
N PHE A 92 3.89 -20.81 -23.01
CA PHE A 92 2.45 -20.93 -22.88
C PHE A 92 1.78 -20.81 -24.24
N SER A 93 2.36 -20.04 -25.16
CA SER A 93 1.78 -19.93 -26.50
C SER A 93 1.93 -21.23 -27.31
N ARG A 94 2.86 -22.11 -26.96
CA ARG A 94 3.01 -23.39 -27.64
C ARG A 94 2.27 -24.53 -26.95
N GLY A 95 1.36 -24.20 -26.04
CA GLY A 95 0.52 -25.20 -25.38
C GLY A 95 1.08 -25.81 -24.11
N TYR A 96 2.08 -25.18 -23.48
CA TYR A 96 2.72 -25.77 -22.29
C TYR A 96 1.71 -26.09 -21.18
N VAL A 97 0.77 -25.19 -20.91
CA VAL A 97 -0.11 -25.43 -19.75
C VAL A 97 -1.08 -26.56 -20.05
N THR A 98 -1.56 -26.67 -21.29
CA THR A 98 -2.55 -27.68 -21.66
C THR A 98 -1.92 -28.98 -22.11
N SER A 99 -0.60 -29.07 -22.09
CA SER A 99 0.13 -30.29 -22.41
C SER A 99 0.57 -30.93 -21.11
N GLU A 100 0.93 -32.19 -21.21
CA GLU A 100 1.70 -32.78 -20.12
C GLU A 100 2.85 -33.55 -20.75
N ILE A 101 2.52 -34.55 -21.56
CA ILE A 101 3.54 -35.38 -22.18
C ILE A 101 4.43 -34.54 -23.09
N GLU A 102 3.88 -33.50 -23.72
CA GLU A 102 4.64 -32.70 -24.68
C GLU A 102 5.51 -31.62 -24.04
N ARG A 103 5.53 -31.46 -22.72
CA ARG A 103 6.23 -30.31 -22.14
C ARG A 103 7.73 -30.35 -22.42
N ALA A 104 8.34 -31.52 -22.31
CA ALA A 104 9.77 -31.61 -22.58
C ALA A 104 10.09 -31.18 -24.01
N LYS A 105 9.22 -31.55 -24.96
CA LYS A 105 9.41 -31.10 -26.34
C LYS A 105 9.24 -29.59 -26.46
N ILE A 106 8.23 -29.03 -25.81
CA ILE A 106 8.04 -27.57 -25.88
C ILE A 106 9.21 -26.84 -25.27
N ILE A 107 9.76 -27.36 -24.16
CA ILE A 107 10.97 -26.76 -23.59
C ILE A 107 12.13 -26.81 -24.58
N ALA A 108 12.28 -27.92 -25.32
CA ALA A 108 13.36 -28.01 -26.31
C ALA A 108 13.17 -27.02 -27.44
N GLU A 109 11.93 -26.76 -27.85
CA GLU A 109 11.67 -25.72 -28.85
C GLU A 109 12.02 -24.34 -28.32
N ALA A 110 11.71 -24.07 -27.04
CA ALA A 110 12.10 -22.80 -26.45
C ALA A 110 13.60 -22.63 -26.47
N ALA A 111 14.34 -23.68 -26.10
CA ALA A 111 15.80 -23.60 -26.08
C ALA A 111 16.37 -23.26 -27.45
N THR A 112 15.73 -23.74 -28.52
CA THR A 112 16.18 -23.36 -29.86
C THR A 112 15.83 -21.90 -30.13
N TYR A 113 14.62 -21.50 -29.79
CA TYR A 113 14.16 -20.13 -30.03
C TYR A 113 15.04 -19.12 -29.27
N PHE A 114 15.45 -19.44 -28.04
CA PHE A 114 16.26 -18.54 -27.23
C PHE A 114 17.75 -18.83 -27.30
N ASN A 115 18.18 -19.74 -28.18
CA ASN A 115 19.60 -20.05 -28.39
C ASN A 115 20.29 -20.51 -27.09
N THR A 116 19.70 -21.48 -26.43
CA THR A 116 20.28 -21.94 -25.18
C THR A 116 19.91 -23.41 -24.97
N THR A 117 20.04 -23.90 -23.73
CA THR A 117 19.83 -25.30 -23.42
C THR A 117 18.48 -25.48 -22.73
N PRO A 118 17.93 -26.70 -22.76
CA PRO A 118 16.71 -26.98 -21.97
C PRO A 118 16.88 -26.63 -20.50
N GLU A 119 18.06 -26.87 -19.93
CA GLU A 119 18.27 -26.58 -18.51
C GLU A 119 18.20 -25.08 -18.25
N GLU A 120 18.68 -24.26 -19.19
CA GLU A 120 18.59 -22.81 -19.03
C GLU A 120 17.14 -22.34 -19.10
N ILE A 121 16.35 -22.91 -20.01
CA ILE A 121 14.92 -22.60 -20.04
C ILE A 121 14.28 -22.95 -18.70
N GLU A 122 14.58 -24.14 -18.20
CA GLU A 122 13.99 -24.57 -16.94
C GLU A 122 14.41 -23.66 -15.79
N ARG A 123 15.66 -23.21 -15.78
CA ARG A 123 16.09 -22.22 -14.80
C ARG A 123 15.35 -20.90 -15.00
N ALA A 124 15.20 -20.46 -16.25
CA ALA A 124 14.63 -19.13 -16.49
C ALA A 124 13.13 -19.11 -16.23
N MET A 125 12.43 -20.24 -16.43
CA MET A 125 10.97 -20.28 -16.47
C MET A 125 10.31 -19.61 -15.26
N PHE A 126 10.84 -19.86 -14.07
CA PHE A 126 10.30 -19.25 -12.86
C PHE A 126 11.36 -18.47 -12.09
N ALA A 127 12.29 -17.87 -12.83
CA ALA A 127 13.38 -17.14 -12.19
C ALA A 127 12.95 -15.81 -11.61
N ASP A 128 11.69 -15.40 -11.82
CA ASP A 128 11.22 -14.17 -11.20
C ASP A 128 10.66 -14.39 -9.80
N ARG A 129 10.52 -15.64 -9.37
CA ARG A 129 10.09 -15.92 -8.00
C ARG A 129 11.17 -15.52 -7.00
N GLU A 130 10.74 -14.98 -5.85
CA GLU A 130 11.71 -14.54 -4.86
C GLU A 130 12.55 -15.72 -4.36
N GLU A 131 11.92 -16.87 -4.12
CA GLU A 131 12.64 -18.05 -3.69
C GLU A 131 13.74 -18.46 -4.65
N GLU A 132 13.64 -18.07 -5.92
CA GLU A 132 14.60 -18.47 -6.94
C GLU A 132 15.73 -17.46 -7.14
N LYS A 133 15.65 -16.28 -6.53
CA LYS A 133 16.70 -15.30 -6.69
C LYS A 133 17.99 -15.83 -6.07
N ILE A 134 19.12 -15.49 -6.68
CA ILE A 134 20.45 -15.97 -6.26
C ILE A 134 21.10 -14.93 -5.37
N LEU A 135 21.55 -15.36 -4.18
CA LEU A 135 22.39 -14.52 -3.32
C LEU A 135 23.74 -14.34 -3.98
N THR A 136 24.09 -13.11 -4.36
CA THR A 136 25.36 -12.86 -5.03
C THR A 136 26.34 -12.05 -4.22
N ARG A 137 25.88 -11.30 -3.22
CA ARG A 137 26.78 -10.52 -2.38
C ARG A 137 26.22 -10.42 -0.98
N VAL A 138 27.06 -10.74 0.00
CA VAL A 138 26.74 -10.61 1.43
C VAL A 138 27.50 -9.41 1.97
N PRO A 139 26.87 -8.53 2.76
CA PRO A 139 27.59 -7.35 3.25
C PRO A 139 28.72 -7.73 4.20
N GLY A 140 29.71 -6.85 4.28
CA GLY A 140 30.83 -7.05 5.19
C GLY A 140 30.54 -6.51 6.58
N ILE A 141 29.53 -7.08 7.24
CA ILE A 141 29.05 -6.60 8.53
C ILE A 141 29.57 -7.53 9.62
N SER A 142 30.11 -6.94 10.67
CA SER A 142 30.63 -7.72 11.79
C SER A 142 29.50 -8.24 12.67
N GLU A 143 29.85 -9.17 13.56
CA GLU A 143 28.86 -9.63 14.54
C GLU A 143 28.36 -8.48 15.39
N GLU A 144 29.27 -7.62 15.84
CA GLU A 144 28.89 -6.50 16.69
C GLU A 144 27.97 -5.52 15.97
N GLU A 145 28.26 -5.18 14.71
CA GLU A 145 27.35 -4.29 13.98
C GLU A 145 25.99 -4.96 13.76
N LEU A 146 25.99 -6.25 13.47
CA LEU A 146 24.73 -7.00 13.34
C LEU A 146 23.89 -6.89 14.61
N ILE A 147 24.53 -7.08 15.77
CA ILE A 147 23.80 -6.98 17.03
C ILE A 147 23.30 -5.56 17.26
N ARG A 148 24.11 -4.56 16.93
CA ARG A 148 23.67 -3.17 17.09
C ARG A 148 22.47 -2.86 16.22
N ARG A 149 22.51 -3.28 14.95
CA ARG A 149 21.39 -3.01 14.05
C ARG A 149 20.15 -3.76 14.45
N TYR A 150 20.29 -5.00 14.91
CA TYR A 150 19.14 -5.73 15.44
C TYR A 150 18.50 -4.96 16.59
N ASN A 151 19.30 -4.46 17.54
CA ASN A 151 18.74 -3.76 18.69
C ASN A 151 18.04 -2.47 18.28
N LEU A 152 18.62 -1.71 17.34
CA LEU A 152 17.93 -0.53 16.84
C LEU A 152 16.61 -0.89 16.20
N SER A 153 16.60 -1.96 15.39
CA SER A 153 15.37 -2.42 14.75
C SER A 153 14.30 -2.77 15.78
N LEU A 154 14.70 -3.46 16.85
CA LEU A 154 13.76 -3.82 17.91
C LEU A 154 13.15 -2.59 18.57
N LEU A 155 13.99 -1.61 18.90
CA LEU A 155 13.50 -0.36 19.49
C LEU A 155 12.54 0.37 18.56
N GLN A 156 12.86 0.41 17.27
CA GLN A 156 11.97 1.03 16.27
C GLN A 156 10.66 0.27 16.16
N THR A 157 10.70 -1.06 16.20
CA THR A 157 9.49 -1.86 16.06
C THR A 157 8.54 -1.60 17.23
N LEU A 158 9.06 -1.52 18.44
CA LEU A 158 8.22 -1.23 19.60
C LEU A 158 7.44 0.08 19.41
N MET A 159 8.06 1.10 18.83
CA MET A 159 7.42 2.40 18.73
C MET A 159 6.23 2.41 17.77
N PHE A 160 6.08 1.40 16.90
CA PHE A 160 4.87 1.27 16.11
C PHE A 160 3.63 1.04 16.96
N ASN A 161 3.78 0.55 18.20
CA ASN A 161 2.64 0.43 19.10
C ASN A 161 2.64 1.49 20.21
N SER A 162 3.39 2.56 20.06
CA SER A 162 3.44 3.59 21.07
C SER A 162 2.30 4.57 20.91
N ALA A 163 1.65 4.89 22.02
CA ALA A 163 0.74 6.04 22.04
C ALA A 163 1.53 7.33 22.10
N ARG A 164 2.67 7.31 22.78
CA ARG A 164 3.45 8.54 22.88
C ARG A 164 4.86 8.11 23.24
N MET A 165 5.85 8.84 22.76
CA MET A 165 7.23 8.56 23.13
C MET A 165 7.90 9.89 23.46
N SER A 166 8.50 9.99 24.63
CA SER A 166 9.17 11.21 25.07
C SER A 166 10.66 10.94 25.22
N PHE A 167 11.48 11.93 24.86
CA PHE A 167 12.91 11.73 24.95
C PHE A 167 13.61 13.02 25.31
N ARG A 168 14.84 12.86 25.76
CA ARG A 168 15.76 13.94 26.06
C ARG A 168 17.10 13.59 25.41
N VAL A 169 17.82 14.60 24.93
CA VAL A 169 19.15 14.39 24.35
C VAL A 169 20.07 15.48 24.86
N SER A 170 21.36 15.13 25.03
CA SER A 170 22.34 16.07 25.55
C SER A 170 22.87 17.05 24.51
N GLU A 171 22.65 16.78 23.23
CA GLU A 171 23.19 17.60 22.14
C GLU A 171 22.36 17.31 20.90
N ASN A 172 22.68 17.99 19.81
CA ASN A 172 22.06 17.77 18.50
C ASN A 172 20.60 18.21 18.48
N HIS A 173 20.21 19.17 19.32
CA HIS A 173 18.81 19.57 19.34
C HIS A 173 18.38 20.16 18.01
N LYS A 174 19.25 21.00 17.41
CA LYS A 174 18.89 21.64 16.14
C LYS A 174 18.57 20.60 15.07
N ARG A 175 19.43 19.59 14.89
CA ARG A 175 19.16 18.54 13.91
C ARG A 175 17.90 17.76 14.24
N ILE A 176 17.67 17.48 15.53
CA ILE A 176 16.49 16.70 15.90
C ILE A 176 15.23 17.48 15.58
N PHE A 177 15.22 18.78 15.87
CA PHE A 177 14.04 19.58 15.58
C PHE A 177 13.79 19.67 14.08
N ARG A 178 14.85 19.76 13.28
CA ARG A 178 14.69 19.73 11.82
C ARG A 178 14.12 18.39 11.37
N LEU A 179 14.60 17.29 11.96
CA LEU A 179 14.10 15.96 11.61
C LEU A 179 12.63 15.82 11.95
N ILE A 180 12.23 16.23 13.15
CA ILE A 180 10.82 16.17 13.53
C ILE A 180 9.94 16.83 12.47
N LYS A 181 10.37 17.99 11.96
CA LYS A 181 9.58 18.70 10.96
C LYS A 181 9.62 17.99 9.60
N LEU A 182 10.80 17.55 9.16
CA LEU A 182 10.89 16.84 7.88
C LEU A 182 10.08 15.55 7.89
N LEU A 183 10.07 14.84 9.02
CA LEU A 183 9.33 13.58 9.16
C LEU A 183 7.84 13.79 9.39
N GLY A 184 7.40 15.03 9.57
CA GLY A 184 5.99 15.33 9.74
C GLY A 184 5.41 14.84 11.05
N LEU A 185 6.22 14.73 12.09
CA LEU A 185 5.76 14.14 13.34
C LEU A 185 4.92 15.14 14.13
N MET A 186 3.98 14.60 14.91
CA MET A 186 3.27 15.37 15.92
C MET A 186 4.15 15.44 17.16
N TYR A 187 4.47 16.65 17.61
CA TYR A 187 5.45 16.82 18.66
C TYR A 187 4.94 17.80 19.69
N GLU A 188 5.55 17.75 20.86
CA GLU A 188 5.34 18.75 21.89
C GLU A 188 6.66 18.91 22.64
N ILE A 189 7.11 20.15 22.80
CA ILE A 189 8.35 20.43 23.52
C ILE A 189 8.00 21.15 24.81
N SER A 190 8.50 20.62 25.93
CA SER A 190 8.43 21.27 27.23
C SER A 190 9.80 21.18 27.88
N GLY A 191 10.52 22.29 27.93
CA GLY A 191 11.88 22.26 28.47
C GLY A 191 12.77 21.37 27.64
N GLU A 192 13.50 20.48 28.32
CA GLU A 192 14.33 19.50 27.63
C GLU A 192 13.55 18.29 27.14
N ASN A 193 12.27 18.17 27.48
CA ASN A 193 11.50 16.98 27.15
C ASN A 193 10.78 17.16 25.82
N ILE A 194 10.99 16.20 24.91
CA ILE A 194 10.37 16.21 23.59
C ILE A 194 9.43 15.02 23.50
N GLU A 195 8.14 15.31 23.31
CA GLU A 195 7.13 14.25 23.26
C GLU A 195 6.65 14.09 21.83
N ILE A 196 6.69 12.87 21.32
CA ILE A 196 6.23 12.55 19.97
C ILE A 196 4.95 11.72 20.11
N THR A 197 3.85 12.17 19.52
CA THR A 197 2.65 11.34 19.46
C THR A 197 2.93 10.13 18.59
N GLY A 198 2.51 8.93 19.05
CA GLY A 198 2.81 7.71 18.32
C GLY A 198 1.65 7.17 17.51
N PRO A 199 1.90 6.10 16.75
CA PRO A 199 0.86 5.57 15.84
C PRO A 199 -0.32 4.96 16.55
N ALA A 200 -0.19 4.55 17.82
CA ALA A 200 -1.38 4.07 18.52
C ALA A 200 -2.29 5.21 18.92
N SER A 201 -1.91 6.46 18.61
CA SER A 201 -2.76 7.62 18.90
C SER A 201 -3.32 8.23 17.63
N ILE A 202 -3.37 7.49 16.52
CA ILE A 202 -3.97 7.97 15.29
C ILE A 202 -4.89 6.89 14.75
N LEU A 203 -5.81 7.29 13.87
CA LEU A 203 -6.82 6.37 13.36
C LEU A 203 -6.44 5.71 12.06
N LYS A 204 -5.67 6.37 11.20
CA LYS A 204 -5.30 5.84 9.90
C LYS A 204 -3.88 6.26 9.62
N MET A 205 -3.34 5.75 8.51
CA MET A 205 -1.95 6.01 8.12
C MET A 205 -0.97 5.51 9.18
N THR A 206 -1.34 4.43 9.88
CA THR A 206 -0.55 3.95 11.01
C THR A 206 0.86 3.51 10.57
N ARG A 207 0.95 2.73 9.50
CA ARG A 207 2.24 2.22 9.04
C ARG A 207 3.13 3.34 8.51
N LYS A 208 2.56 4.23 7.70
CA LYS A 208 3.27 5.41 7.20
C LYS A 208 3.79 6.29 8.35
N TYR A 209 2.93 6.64 9.30
CA TYR A 209 3.39 7.44 10.44
C TYR A 209 4.44 6.70 11.25
N GLY A 210 4.20 5.42 11.56
CA GLY A 210 5.17 4.67 12.35
C GLY A 210 6.51 4.55 11.66
N THR A 211 6.50 4.37 10.34
CA THR A 211 7.75 4.36 9.58
C THR A 211 8.48 5.70 9.69
N SER A 212 7.75 6.81 9.57
CA SER A 212 8.37 8.12 9.72
C SER A 212 8.93 8.29 11.13
N MET A 213 8.14 7.91 12.14
CA MET A 213 8.57 8.03 13.53
C MET A 213 9.87 7.26 13.76
N ALA A 214 9.96 6.05 13.17
CA ALA A 214 11.11 5.18 13.39
C ALA A 214 12.40 5.81 12.89
N LYS A 215 12.32 6.69 11.88
CA LYS A 215 13.52 7.33 11.34
C LYS A 215 14.12 8.33 12.33
N LEU A 216 13.38 8.76 13.35
CA LEU A 216 13.92 9.68 14.35
C LEU A 216 14.78 8.97 15.39
N ILE A 217 14.50 7.69 15.67
CA ILE A 217 15.17 7.00 16.77
C ILE A 217 16.68 6.90 16.56
N PRO A 218 17.22 6.61 15.37
CA PRO A 218 18.69 6.55 15.23
C PRO A 218 19.37 7.86 15.58
N GLU A 219 18.71 9.00 15.34
CA GLU A 219 19.29 10.28 15.71
C GLU A 219 19.27 10.51 17.22
N ILE A 220 18.24 10.01 17.92
CA ILE A 220 18.20 10.15 19.38
C ILE A 220 19.37 9.43 20.03
N VAL A 221 19.61 8.17 19.64
CA VAL A 221 20.57 7.35 20.38
C VAL A 221 21.99 7.65 19.92
N LYS A 222 22.15 8.63 19.04
CA LYS A 222 23.50 9.08 18.73
C LYS A 222 24.02 10.13 19.72
N ALA A 223 23.15 10.77 20.49
CA ALA A 223 23.62 11.77 21.46
C ALA A 223 24.47 11.09 22.54
N LYS A 224 25.42 11.84 23.11
CA LYS A 224 26.25 11.25 24.15
C LYS A 224 25.40 10.75 25.31
N GLU A 225 24.39 11.52 25.70
CA GLU A 225 23.43 11.09 26.71
C GLU A 225 22.02 11.24 26.16
N TRP A 226 21.18 10.24 26.42
CA TRP A 226 19.81 10.26 25.94
C TRP A 226 18.95 9.40 26.84
N ALA A 227 17.65 9.66 26.82
CA ALA A 227 16.70 8.85 27.59
C ALA A 227 15.39 8.81 26.83
N ILE A 228 14.78 7.63 26.76
CA ILE A 228 13.52 7.43 26.06
C ILE A 228 12.51 6.87 27.06
N LYS A 229 11.27 7.37 26.98
CA LYS A 229 10.16 6.82 27.71
C LYS A 229 9.01 6.69 26.74
N ALA A 230 8.20 5.64 26.88
CA ALA A 230 7.12 5.48 25.93
C ALA A 230 5.94 4.81 26.62
N GLU A 231 4.74 5.14 26.16
CA GLU A 231 3.52 4.43 26.54
C GLU A 231 3.11 3.57 25.37
N ILE A 232 2.98 2.27 25.61
CA ILE A 232 2.75 1.25 24.61
C ILE A 232 1.35 0.69 24.80
N ILE A 233 0.60 0.56 23.71
CA ILE A 233 -0.73 -0.04 23.74
C ILE A 233 -0.64 -1.38 23.02
N GLU A 234 -1.17 -2.43 23.66
CA GLU A 234 -1.29 -3.75 23.03
C GLU A 234 -2.71 -4.23 23.29
N ASP A 235 -3.57 -4.19 22.26
CA ASP A 235 -5.00 -4.46 22.39
C ASP A 235 -5.57 -3.47 23.40
N LYS A 236 -6.12 -3.92 24.53
CA LYS A 236 -6.70 -3.04 25.54
C LYS A 236 -5.78 -2.89 26.75
N ARG A 237 -4.54 -3.35 26.64
CA ARG A 237 -3.57 -3.25 27.71
C ARG A 237 -2.55 -2.14 27.41
N VAL A 238 -2.02 -1.53 28.46
CA VAL A 238 -1.02 -0.48 28.30
C VAL A 238 0.22 -0.82 29.13
N TYR A 239 1.38 -0.36 28.66
CA TYR A 239 2.65 -0.67 29.29
C TYR A 239 3.55 0.55 29.22
N PHE A 240 4.40 0.68 30.23
CA PHE A 240 5.39 1.76 30.29
C PHE A 240 6.75 1.20 29.88
N PHE A 241 7.42 1.89 28.97
CA PHE A 241 8.73 1.49 28.48
C PHE A 241 9.70 2.61 28.79
N GLU A 242 10.90 2.25 29.21
CA GLU A 242 11.90 3.26 29.55
C GLU A 242 13.28 2.72 29.21
N LEU A 243 14.09 3.54 28.54
CA LEU A 243 15.46 3.16 28.18
C LEU A 243 16.34 4.41 28.14
N SER A 244 17.59 4.27 28.55
CA SER A 244 18.49 5.42 28.54
C SER A 244 19.89 4.98 28.14
N SER A 245 20.73 5.96 27.82
CA SER A 245 22.12 5.66 27.49
C SER A 245 22.83 4.96 28.65
N GLU A 246 22.33 5.09 29.88
CA GLU A 246 23.00 4.43 31.00
C GLU A 246 22.76 2.93 31.03
N ASP A 247 21.81 2.41 30.25
CA ASP A 247 21.59 0.98 30.17
C ASP A 247 22.59 0.27 29.27
N ASP A 248 23.42 1.02 28.54
CA ASP A 248 24.53 0.48 27.76
C ASP A 248 24.10 -0.60 26.76
N ILE A 249 22.89 -0.48 26.21
CA ILE A 249 22.49 -1.37 25.13
C ILE A 249 23.36 -1.09 23.92
N LEU A 250 23.80 -2.17 23.25
CA LEU A 250 24.58 -2.05 22.03
C LEU A 250 23.71 -1.50 20.91
N LEU A 251 24.02 -0.29 20.44
CA LEU A 251 23.22 0.40 19.45
C LEU A 251 24.15 1.08 18.45
N PRO A 252 23.69 1.29 17.21
CA PRO A 252 24.58 1.88 16.20
C PRO A 252 24.54 3.40 16.27
N LYS A 253 25.39 4.00 15.45
CA LYS A 253 25.45 5.44 15.19
C LYS A 253 25.35 5.60 13.67
N LEU A 254 24.13 5.55 13.16
CA LEU A 254 23.83 5.52 11.73
C LEU A 254 23.57 6.91 11.19
N GLU A 255 23.96 7.13 9.94
CA GLU A 255 23.80 8.45 9.33
C GLU A 255 22.33 8.71 9.02
N VAL A 256 21.84 9.89 9.38
CA VAL A 256 20.43 10.25 9.23
C VAL A 256 20.35 11.60 8.53
N SER A 257 19.64 11.64 7.40
CA SER A 257 19.49 12.89 6.67
C SER A 257 18.01 13.18 6.35
N VAL A 258 17.40 12.35 5.50
CA VAL A 258 16.02 12.45 5.01
C VAL A 258 15.72 13.94 4.81
N GLU A 259 16.53 14.59 3.98
CA GLU A 259 16.48 16.04 3.86
C GLU A 259 15.47 16.43 2.78
N TYR A 260 15.55 17.68 2.29
CA TYR A 260 14.44 18.21 1.49
C TYR A 260 14.95 19.40 0.66
N ASP A 261 14.05 20.36 0.42
CA ASP A 261 14.34 21.58 -0.31
C ASP A 261 13.55 22.73 0.32
N SER A 262 13.93 23.96 -0.05
CA SER A 262 13.26 25.16 0.42
C SER A 262 12.31 25.75 -0.62
N SER A 263 11.74 24.90 -1.50
CA SER A 263 10.92 25.41 -2.59
C SER A 263 9.61 26.01 -2.07
N LEU A 264 8.85 25.25 -1.28
CA LEU A 264 7.64 25.81 -0.69
C LEU A 264 7.94 27.02 0.16
N GLU A 265 9.01 26.96 0.95
CA GLU A 265 9.44 28.11 1.74
C GLU A 265 9.58 29.35 0.87
N ARG A 266 10.28 29.21 -0.25
CA ARG A 266 10.47 30.36 -1.13
C ARG A 266 9.15 30.71 -1.82
N GLU A 267 8.40 29.70 -2.26
CA GLU A 267 7.09 29.95 -2.87
C GLU A 267 6.17 30.69 -1.91
N PHE A 268 6.14 30.26 -0.64
CA PHE A 268 5.30 30.89 0.36
C PHE A 268 5.70 32.34 0.59
N VAL A 269 7.01 32.59 0.79
CA VAL A 269 7.50 33.95 0.99
C VAL A 269 7.15 34.83 -0.21
N THR A 270 7.48 34.37 -1.41
CA THR A 270 7.25 35.19 -2.59
C THR A 270 5.77 35.52 -2.78
N LYS A 271 4.89 34.60 -2.41
CA LYS A 271 3.46 34.85 -2.55
C LYS A 271 2.91 35.81 -1.50
N ILE A 272 3.56 35.93 -0.34
CA ILE A 272 2.98 36.70 0.77
C ILE A 272 3.62 38.08 0.89
N LYS A 273 4.91 38.18 0.57
CA LYS A 273 5.70 39.38 0.88
C LYS A 273 5.09 40.68 0.34
N ARG A 274 5.18 40.91 -0.98
CA ARG A 274 4.68 42.18 -1.51
C ARG A 274 3.15 42.27 -1.49
N ILE A 275 2.45 41.15 -1.68
CA ILE A 275 0.99 41.18 -1.58
C ILE A 275 0.56 41.76 -0.24
N LEU A 276 1.27 41.40 0.84
CA LEU A 276 0.85 41.78 2.17
C LEU A 276 1.61 42.98 2.72
N GLY A 277 2.72 43.37 2.10
CA GLY A 277 3.56 44.41 2.64
C GLY A 277 4.08 44.01 4.00
N VAL A 278 4.72 42.84 4.06
CA VAL A 278 5.08 42.24 5.33
C VAL A 278 6.52 41.76 5.24
N GLU A 279 7.16 41.66 6.40
CA GLU A 279 8.48 41.05 6.51
C GLU A 279 8.28 39.58 6.86
N VAL A 280 9.02 38.70 6.17
CA VAL A 280 8.91 37.26 6.42
C VAL A 280 10.31 36.72 6.70
N ILE A 281 10.44 35.97 7.79
CA ILE A 281 11.67 35.27 8.12
C ILE A 281 11.39 33.78 8.04
N ARG A 282 12.19 33.07 7.25
CA ARG A 282 12.07 31.62 7.13
C ARG A 282 12.86 30.95 8.24
N GLU A 283 12.29 29.85 8.78
CA GLU A 283 12.87 29.10 9.88
C GLU A 283 13.42 30.07 10.94
N PRO A 284 12.55 30.84 11.61
CA PRO A 284 13.04 31.93 12.45
C PRO A 284 13.72 31.44 13.72
N GLY A 285 13.53 30.19 14.09
CA GLY A 285 14.10 29.68 15.33
C GLY A 285 13.02 29.21 16.29
N ILE A 286 13.37 28.27 17.18
CA ILE A 286 12.46 27.80 18.22
C ILE A 286 11.91 28.98 18.98
N ILE A 287 10.61 28.96 19.23
CA ILE A 287 9.95 30.00 20.01
C ILE A 287 9.35 29.34 21.24
N LYS A 288 9.61 29.92 22.40
CA LYS A 288 9.02 29.48 23.66
C LYS A 288 7.76 30.27 23.92
N ALA A 289 6.71 29.57 24.34
CA ALA A 289 5.43 30.21 24.65
C ALA A 289 4.84 29.50 25.87
N GLY A 290 4.84 30.19 27.01
CA GLY A 290 4.51 29.53 28.26
C GLY A 290 5.53 28.45 28.57
N GLN A 291 5.04 27.30 29.06
CA GLN A 291 5.90 26.17 29.36
C GLN A 291 6.25 25.33 28.14
N TYR A 292 5.85 25.72 26.96
CA TYR A 292 6.06 24.91 25.76
C TYR A 292 6.94 25.64 24.77
N ALA A 293 7.44 24.90 23.77
CA ALA A 293 8.26 25.45 22.71
C ALA A 293 7.78 24.90 21.36
N TYR A 294 7.95 25.71 20.31
CA TYR A 294 7.40 25.38 18.99
C TYR A 294 8.46 25.59 17.92
N ILE A 295 8.31 24.84 16.83
CA ILE A 295 9.24 24.89 15.70
C ILE A 295 8.51 25.52 14.52
N PRO A 296 8.48 26.84 14.41
CA PRO A 296 7.71 27.44 13.32
C PRO A 296 8.44 27.42 12.00
N ASP A 297 7.66 27.46 10.93
CA ASP A 297 8.20 27.55 9.58
C ASP A 297 8.49 28.99 9.16
N PHE A 298 7.70 29.95 9.64
CA PHE A 298 7.85 31.33 9.22
C PHE A 298 7.54 32.25 10.39
N LEU A 299 8.16 33.42 10.39
CA LEU A 299 7.74 34.55 11.21
C LEU A 299 7.36 35.67 10.25
N ILE A 300 6.17 36.25 10.45
CA ILE A 300 5.63 37.29 9.58
C ILE A 300 5.39 38.55 10.44
N ARG A 301 5.96 39.68 10.02
CA ARG A 301 5.91 40.90 10.82
C ARG A 301 5.51 42.11 9.98
N LYS A 302 4.67 42.96 10.57
CA LYS A 302 4.19 44.18 9.93
C LYS A 302 3.71 45.12 11.01
N ASN A 303 4.00 46.41 10.86
CA ASN A 303 3.86 47.37 11.95
C ASN A 303 4.61 46.75 13.14
N GLY A 304 4.16 46.94 14.38
CA GLY A 304 4.83 46.26 15.47
C GLY A 304 4.20 44.94 15.89
N LYS A 305 3.53 44.24 14.97
CA LYS A 305 2.89 42.98 15.28
C LYS A 305 3.60 41.82 14.61
N GLU A 306 3.34 40.61 15.11
CA GLU A 306 4.03 39.40 14.68
C GLU A 306 3.08 38.23 14.63
N VAL A 307 3.25 37.37 13.62
CA VAL A 307 2.52 36.10 13.56
C VAL A 307 3.49 35.01 13.12
N TYR A 308 3.62 33.98 13.95
CA TYR A 308 4.36 32.79 13.55
C TYR A 308 3.44 31.93 12.71
N VAL A 309 3.99 31.26 11.71
CA VAL A 309 3.24 30.30 10.91
C VAL A 309 3.93 28.95 11.03
N GLU A 310 3.15 27.92 11.32
CA GLU A 310 3.67 26.55 11.33
C GLU A 310 2.83 25.67 10.44
N ILE A 311 3.50 24.90 9.59
CA ILE A 311 2.84 23.93 8.74
C ILE A 311 2.95 22.57 9.43
N ALA A 312 1.82 22.03 9.83
CA ALA A 312 1.83 20.74 10.52
C ALA A 312 2.22 19.63 9.56
N GLY A 313 2.60 18.48 10.13
CA GLY A 313 2.79 17.29 9.33
C GLY A 313 1.55 16.41 9.43
N PHE A 314 1.73 15.14 9.78
CA PHE A 314 0.60 14.30 10.16
C PHE A 314 -0.14 14.97 11.32
N TRP A 315 -1.47 14.80 11.36
CA TRP A 315 -2.22 15.45 12.43
C TRP A 315 -3.52 14.70 12.70
N THR A 316 -4.01 14.89 13.91
CA THR A 316 -5.34 14.47 14.32
C THR A 316 -6.06 15.67 14.92
N ARG A 317 -7.38 15.54 15.03
CA ARG A 317 -8.19 16.59 15.65
C ARG A 317 -7.77 16.82 17.10
N SER A 318 -7.58 15.74 17.87
CA SER A 318 -7.21 15.88 19.28
C SER A 318 -5.84 16.53 19.44
N TYR A 319 -4.88 16.18 18.60
CA TYR A 319 -3.57 16.81 18.64
C TYR A 319 -3.65 18.31 18.35
N ILE A 320 -4.33 18.68 17.26
CA ILE A 320 -4.42 20.09 16.90
C ILE A 320 -5.23 20.87 17.94
N LYS A 321 -6.32 20.28 18.44
CA LYS A 321 -7.09 21.00 19.45
C LYS A 321 -6.28 21.22 20.71
N SER A 322 -5.50 20.22 21.12
CA SER A 322 -4.61 20.39 22.28
C SER A 322 -3.57 21.47 22.04
N LYS A 323 -2.90 21.42 20.89
CA LYS A 323 -1.92 22.45 20.55
C LYS A 323 -2.54 23.84 20.56
N LEU A 324 -3.76 23.97 20.03
CA LEU A 324 -4.43 25.26 20.02
C LEU A 324 -4.73 25.76 21.43
N GLU A 325 -5.20 24.89 22.32
CA GLU A 325 -5.48 25.34 23.69
C GLU A 325 -4.20 25.81 24.36
N LYS A 326 -3.09 25.09 24.16
CA LYS A 326 -1.85 25.48 24.79
C LYS A 326 -1.36 26.83 24.29
N LEU A 327 -1.61 27.13 23.02
CA LEU A 327 -1.23 28.40 22.44
C LEU A 327 -2.20 29.53 22.80
N SER A 328 -3.38 29.21 23.33
CA SER A 328 -4.39 30.22 23.61
C SER A 328 -4.14 30.97 24.90
N ASN A 329 -3.29 30.44 25.79
CA ASN A 329 -3.02 31.07 27.08
C ASN A 329 -1.73 31.87 27.09
N VAL A 330 -1.24 32.29 25.92
CA VAL A 330 0.11 32.85 25.80
C VAL A 330 0.10 34.03 24.84
N ASP A 331 1.18 34.83 24.88
CA ASP A 331 1.22 36.08 24.11
C ASP A 331 1.48 35.84 22.63
N VAL A 332 2.23 34.79 22.28
CA VAL A 332 2.61 34.58 20.89
C VAL A 332 1.35 34.36 20.05
N LYS A 333 1.39 34.83 18.82
CA LYS A 333 0.35 34.57 17.84
C LYS A 333 0.89 33.58 16.81
N MET A 334 0.12 32.53 16.55
CA MET A 334 0.57 31.50 15.63
C MET A 334 -0.59 31.02 14.76
N LEU A 335 -0.34 30.98 13.46
CA LEU A 335 -1.27 30.44 12.48
C LEU A 335 -0.81 29.05 12.10
N ILE A 336 -1.68 28.06 12.30
CA ILE A 336 -1.37 26.69 11.95
C ILE A 336 -2.04 26.36 10.64
N ILE A 337 -1.28 25.80 9.71
CA ILE A 337 -1.79 25.29 8.45
C ILE A 337 -1.68 23.77 8.51
N VAL A 338 -2.77 23.08 8.21
CA VAL A 338 -2.79 21.61 8.24
C VAL A 338 -3.06 21.10 6.83
N ASN A 339 -2.42 20.00 6.47
CA ASN A 339 -2.55 19.41 5.16
C ASN A 339 -3.68 18.37 5.19
N ASP A 340 -4.62 18.48 4.25
CA ASP A 340 -5.75 17.54 4.25
C ASP A 340 -5.29 16.13 3.88
N GLU A 341 -4.20 15.98 3.14
CA GLU A 341 -3.71 14.65 2.79
C GLU A 341 -2.95 13.97 3.94
N LEU A 342 -2.73 14.67 5.05
CA LEU A 342 -2.01 14.12 6.20
C LEU A 342 -2.90 13.97 7.43
N LEU A 343 -4.20 14.13 7.28
CA LEU A 343 -5.15 13.91 8.36
C LEU A 343 -5.19 12.42 8.68
N ALA A 344 -4.68 12.05 9.84
CA ALA A 344 -4.68 10.66 10.31
C ALA A 344 -5.84 10.39 11.25
N ASP A 345 -7.02 10.91 10.90
CA ASP A 345 -8.14 11.01 11.83
C ASP A 345 -9.41 11.21 11.03
N LYS A 346 -10.54 11.16 11.72
CA LYS A 346 -11.83 11.46 11.11
C LYS A 346 -11.90 12.93 10.72
N LEU A 347 -12.61 13.21 9.64
CA LEU A 347 -12.86 14.58 9.22
C LEU A 347 -13.82 15.24 10.21
N GLY A 348 -13.45 16.45 10.67
CA GLY A 348 -14.29 17.14 11.63
C GLY A 348 -14.14 18.65 11.55
N LYS A 349 -15.04 19.33 12.26
CA LYS A 349 -15.01 20.79 12.38
C LYS A 349 -13.77 21.19 13.16
N ILE A 350 -12.80 21.79 12.48
CA ILE A 350 -11.60 22.34 13.13
C ILE A 350 -11.44 23.78 12.67
N HIS A 351 -11.63 24.72 13.58
CA HIS A 351 -11.47 26.13 13.29
C HIS A 351 -10.19 26.62 13.97
N ASP A 352 -9.80 27.84 13.64
CA ASP A 352 -8.57 28.54 14.02
C ASP A 352 -7.39 28.10 13.18
N VAL A 353 -7.49 27.02 12.42
CA VAL A 353 -6.43 26.56 11.54
C VAL A 353 -6.88 26.75 10.10
N ILE A 354 -5.90 26.79 9.21
CA ILE A 354 -6.16 26.83 7.77
C ILE A 354 -5.90 25.45 7.20
N VAL A 355 -6.86 24.92 6.45
CA VAL A 355 -6.76 23.58 5.90
C VAL A 355 -6.36 23.66 4.44
N MET A 356 -5.39 22.85 4.05
CA MET A 356 -5.02 22.79 2.64
C MET A 356 -6.14 22.12 1.85
N ARG A 357 -6.09 22.34 0.54
CA ARG A 357 -6.98 21.70 -0.43
C ARG A 357 -6.14 20.85 -1.37
N LYS A 358 -6.29 19.53 -1.26
CA LYS A 358 -5.56 18.57 -2.10
C LYS A 358 -4.05 18.78 -1.99
N GLY A 359 -3.59 19.13 -0.78
CA GLY A 359 -2.17 19.29 -0.54
C GLY A 359 -1.58 20.63 -0.94
N LYS A 360 -2.42 21.61 -1.29
CA LYS A 360 -1.96 22.93 -1.69
C LYS A 360 -2.51 23.98 -0.73
N ILE A 361 -1.67 24.97 -0.43
CA ILE A 361 -2.05 26.05 0.50
C ILE A 361 -3.03 26.99 -0.19
N PRO A 362 -4.13 27.42 0.48
CA PRO A 362 -5.01 28.44 -0.09
C PRO A 362 -4.54 29.85 0.22
N TYR A 363 -3.84 30.48 -0.72
CA TYR A 363 -3.11 31.70 -0.37
C TYR A 363 -4.04 32.87 -0.02
N LYS A 364 -5.19 32.99 -0.68
CA LYS A 364 -6.08 34.11 -0.36
C LYS A 364 -6.61 33.98 1.06
N GLU A 365 -6.98 32.77 1.47
CA GLU A 365 -7.42 32.57 2.85
C GLU A 365 -6.30 32.87 3.83
N VAL A 366 -5.07 32.42 3.51
CA VAL A 366 -3.92 32.70 4.36
C VAL A 366 -3.66 34.20 4.44
N ILE A 367 -3.70 34.90 3.29
CA ILE A 367 -3.50 36.35 3.30
C ILE A 367 -4.51 37.05 4.19
N LEU A 368 -5.79 36.68 4.06
CA LEU A 368 -6.83 37.38 4.82
C LEU A 368 -6.70 37.12 6.32
N LYS A 369 -6.46 35.86 6.70
CA LYS A 369 -6.24 35.55 8.11
C LYS A 369 -5.04 36.32 8.65
N LEU A 370 -3.95 36.35 7.88
CA LEU A 370 -2.76 37.07 8.31
C LEU A 370 -3.04 38.57 8.49
N LYS A 371 -3.77 39.17 7.54
CA LYS A 371 -4.18 40.57 7.69
C LYS A 371 -4.97 40.77 8.98
N GLU A 372 -5.93 39.88 9.24
CA GLU A 372 -6.71 40.00 10.46
C GLU A 372 -5.84 39.84 11.71
N MET A 373 -4.90 38.89 11.67
CA MET A 373 -4.04 38.65 12.82
C MET A 373 -3.01 39.76 12.99
N LEU A 374 -2.60 40.42 11.90
CA LEU A 374 -1.52 41.40 11.99
C LEU A 374 -2.02 42.80 12.34
N ASN A 375 -3.31 42.98 12.56
CA ASN A 375 -3.83 44.30 12.94
C ASN A 375 -4.48 44.24 14.32
N MET B 1 -15.19 -3.28 -8.73
CA MET B 1 -16.31 -4.21 -8.55
C MET B 1 -15.86 -5.54 -7.95
N LEU B 2 -15.05 -5.45 -6.91
CA LEU B 2 -14.41 -6.62 -6.33
C LEU B 2 -14.24 -6.61 -4.81
N PRO B 3 -14.50 -7.77 -4.16
CA PRO B 3 -13.91 -8.03 -2.83
C PRO B 3 -13.06 -9.30 -2.78
N LYS B 4 -11.83 -9.21 -2.25
CA LYS B 4 -10.92 -10.35 -2.23
C LYS B 4 -11.48 -11.48 -1.36
N GLU B 5 -11.03 -12.71 -1.63
CA GLU B 5 -11.47 -13.86 -0.84
C GLU B 5 -10.42 -14.96 -0.81
N LEU B 6 -10.75 -16.03 -0.07
CA LEU B 6 -9.93 -17.22 0.07
C LEU B 6 -10.24 -18.18 -1.08
N LEU B 7 -9.19 -18.74 -1.69
CA LEU B 7 -9.32 -19.30 -3.06
C LEU B 7 -10.30 -20.47 -3.14
N ASP B 8 -10.24 -21.42 -2.23
CA ASP B 8 -11.00 -22.66 -2.32
C ASP B 8 -11.12 -23.30 -3.71
N ALA B 9 -10.16 -24.13 -4.05
CA ALA B 9 -10.13 -24.79 -5.35
C ALA B 9 -9.78 -26.25 -5.16
N THR B 10 -9.98 -27.03 -6.22
CA THR B 10 -9.54 -28.42 -6.30
C THR B 10 -8.53 -28.52 -7.44
N ARG B 11 -7.41 -29.18 -7.19
CA ARG B 11 -6.37 -29.32 -8.20
C ARG B 11 -6.16 -30.80 -8.51
N ARG B 12 -6.18 -31.14 -9.80
CA ARG B 12 -6.07 -32.54 -10.18
C ARG B 12 -5.48 -32.62 -11.58
N ARG B 13 -4.33 -33.29 -11.73
CA ARG B 13 -3.74 -33.58 -13.04
C ARG B 13 -3.65 -32.33 -13.93
N GLY B 14 -3.06 -31.27 -13.41
CA GLY B 14 -2.84 -30.06 -14.20
C GLY B 14 -4.07 -29.21 -14.45
N LYS B 15 -5.18 -29.52 -13.80
CA LYS B 15 -6.40 -28.72 -13.93
C LYS B 15 -6.78 -28.20 -12.56
N ILE B 16 -7.39 -27.02 -12.53
CA ILE B 16 -7.84 -26.44 -11.28
C ILE B 16 -9.33 -26.10 -11.41
N TYR B 17 -10.09 -26.43 -10.39
CA TYR B 17 -11.53 -26.21 -10.37
C TYR B 17 -11.90 -25.41 -9.14
N LEU B 18 -12.89 -24.53 -9.27
CA LEU B 18 -13.31 -23.70 -8.14
C LEU B 18 -14.46 -24.38 -7.40
N LYS B 19 -14.42 -24.30 -6.08
CA LYS B 19 -15.47 -24.84 -5.22
C LYS B 19 -16.59 -23.81 -5.09
N PHE B 20 -17.38 -23.68 -6.14
CA PHE B 20 -18.48 -22.72 -6.12
C PHE B 20 -19.54 -23.15 -5.13
N ALA B 21 -20.27 -22.17 -4.57
CA ALA B 21 -21.44 -22.48 -3.76
C ALA B 21 -22.64 -22.75 -4.66
N SER B 22 -23.58 -23.56 -4.17
CA SER B 22 -24.81 -23.87 -4.92
C SER B 22 -25.97 -23.90 -3.93
N GLU B 23 -27.13 -24.42 -4.37
CA GLU B 23 -28.24 -24.55 -3.43
C GLU B 23 -27.92 -25.52 -2.30
N GLU B 24 -26.88 -26.35 -2.45
CA GLU B 24 -26.46 -27.22 -1.36
C GLU B 24 -25.90 -26.41 -0.19
N HIS B 25 -25.52 -25.16 -0.41
CA HIS B 25 -24.99 -24.32 0.64
C HIS B 25 -26.00 -23.29 1.14
N PHE B 26 -27.28 -23.47 0.81
CA PHE B 26 -28.32 -22.54 1.23
C PHE B 26 -28.42 -22.44 2.75
N ARG B 27 -28.49 -23.59 3.44
CA ARG B 27 -28.61 -23.55 4.89
C ARG B 27 -27.41 -22.87 5.55
N LEU B 28 -26.21 -23.07 5.00
CA LEU B 28 -25.04 -22.35 5.53
C LEU B 28 -25.16 -20.85 5.33
N ALA B 29 -25.61 -20.43 4.14
CA ALA B 29 -25.79 -19.00 3.89
C ALA B 29 -26.83 -18.42 4.83
N ARG B 30 -27.94 -19.13 5.04
CA ARG B 30 -28.95 -18.69 6.00
C ARG B 30 -28.36 -18.55 7.40
N ALA B 31 -27.51 -19.50 7.82
CA ALA B 31 -26.94 -19.42 9.16
C ALA B 31 -25.97 -18.25 9.30
N VAL B 32 -25.21 -17.96 8.25
CA VAL B 32 -24.32 -16.80 8.31
C VAL B 32 -25.14 -15.52 8.37
N ILE B 33 -26.16 -15.41 7.52
CA ILE B 33 -27.01 -14.22 7.56
C ILE B 33 -27.64 -14.05 8.94
N LEU B 34 -28.10 -15.15 9.55
CA LEU B 34 -28.71 -15.04 10.88
C LEU B 34 -27.70 -14.61 11.93
N ALA B 35 -26.43 -15.03 11.79
CA ALA B 35 -25.40 -14.60 12.73
C ALA B 35 -25.23 -13.09 12.69
N PHE B 36 -25.32 -12.50 11.50
CA PHE B 36 -25.25 -11.04 11.36
C PHE B 36 -26.51 -10.37 11.91
N LYS B 37 -27.68 -10.83 11.48
CA LYS B 37 -28.92 -10.20 11.94
C LYS B 37 -29.04 -10.26 13.46
N SER B 38 -28.65 -11.38 14.07
CA SER B 38 -28.75 -11.53 15.51
C SER B 38 -27.65 -10.76 16.26
N SER B 39 -26.72 -10.12 15.56
CA SER B 39 -25.63 -9.39 16.21
C SER B 39 -25.78 -7.87 16.11
N VAL B 40 -26.87 -7.36 15.56
CA VAL B 40 -27.04 -5.92 15.46
C VAL B 40 -27.10 -5.32 16.85
N GLY B 41 -26.34 -4.23 17.07
CA GLY B 41 -26.16 -3.66 18.38
C GLY B 41 -25.02 -4.24 19.18
N GLN B 42 -24.42 -5.33 18.72
CA GLN B 42 -23.30 -5.97 19.39
C GLN B 42 -21.99 -5.62 18.72
N LYS B 43 -20.90 -5.96 19.40
CA LYS B 43 -19.56 -5.66 18.92
C LYS B 43 -19.11 -6.67 17.86
N TYR B 44 -18.22 -6.20 16.98
CA TYR B 44 -17.63 -7.05 15.93
C TYR B 44 -17.06 -8.34 16.50
N GLU B 45 -16.39 -8.27 17.66
CA GLU B 45 -15.86 -9.46 18.32
C GLU B 45 -16.94 -10.50 18.61
N ASP B 46 -18.12 -10.05 19.07
CA ASP B 46 -19.19 -10.99 19.38
C ASP B 46 -19.73 -11.64 18.11
N LEU B 47 -19.83 -10.87 17.02
CA LEU B 47 -20.21 -11.44 15.73
C LEU B 47 -19.20 -12.50 15.29
N GLN B 48 -17.91 -12.16 15.34
CA GLN B 48 -16.90 -13.11 14.88
C GLN B 48 -16.88 -14.38 15.71
N GLU B 49 -17.17 -14.28 17.02
CA GLU B 49 -17.21 -15.49 17.84
C GLU B 49 -18.32 -16.44 17.40
N LYS B 50 -19.47 -15.90 16.97
CA LYS B 50 -20.53 -16.75 16.44
C LYS B 50 -20.08 -17.46 15.17
N LEU B 51 -19.26 -16.78 14.36
CA LEU B 51 -18.79 -17.37 13.10
C LEU B 51 -17.73 -18.43 13.37
N ARG B 52 -16.83 -18.16 14.34
CA ARG B 52 -15.84 -19.18 14.73
C ARG B 52 -16.52 -20.44 15.26
N HIS B 53 -17.62 -20.26 16.00
CA HIS B 53 -18.30 -21.42 16.59
C HIS B 53 -18.94 -22.28 15.50
N MET B 54 -19.49 -21.65 14.46
CA MET B 54 -20.19 -22.44 13.45
C MET B 54 -19.24 -23.12 12.46
N GLU B 55 -18.00 -22.65 12.36
CA GLU B 55 -17.03 -23.17 11.41
C GLU B 55 -16.64 -24.62 11.66
N ARG B 56 -16.46 -25.36 10.57
CA ARG B 56 -15.94 -26.72 10.60
C ARG B 56 -14.88 -26.85 9.52
N ALA B 57 -14.13 -27.96 9.56
CA ALA B 57 -13.08 -28.20 8.57
C ALA B 57 -13.59 -28.05 7.15
N GLU B 58 -14.77 -28.61 6.86
CA GLU B 58 -15.27 -28.69 5.50
C GLU B 58 -15.91 -27.41 4.99
N ASN B 59 -16.21 -26.44 5.86
CA ASN B 59 -16.99 -25.28 5.41
C ASN B 59 -16.41 -23.92 5.81
N TYR B 60 -15.24 -23.88 6.44
CA TYR B 60 -14.78 -22.62 7.01
C TYR B 60 -14.50 -21.57 5.94
N ARG B 61 -14.09 -21.99 4.74
CA ARG B 61 -13.82 -21.01 3.69
C ARG B 61 -15.10 -20.32 3.25
N LYS B 62 -16.21 -21.07 3.17
CA LYS B 62 -17.49 -20.46 2.82
C LYS B 62 -18.05 -19.61 3.97
N VAL B 63 -17.95 -20.10 5.21
CA VAL B 63 -18.38 -19.27 6.33
C VAL B 63 -17.67 -17.93 6.29
N ARG B 64 -16.35 -17.97 6.14
CA ARG B 64 -15.56 -16.74 6.15
C ARG B 64 -15.80 -15.90 4.91
N GLY B 65 -15.96 -16.54 3.75
CA GLY B 65 -16.23 -15.80 2.53
C GLY B 65 -17.62 -15.18 2.52
N PHE B 66 -18.64 -15.95 2.92
CA PHE B 66 -19.98 -15.40 3.07
C PHE B 66 -19.97 -14.20 4.02
N ALA B 67 -19.30 -14.34 5.17
CA ALA B 67 -19.28 -13.28 6.17
C ALA B 67 -18.56 -12.04 5.66
N LYS B 68 -17.50 -12.23 4.89
CA LYS B 68 -16.77 -11.10 4.33
C LYS B 68 -17.65 -10.28 3.41
N ILE B 69 -18.45 -10.95 2.57
CA ILE B 69 -19.38 -10.24 1.69
C ILE B 69 -20.39 -9.46 2.50
N LEU B 70 -20.95 -10.08 3.55
CA LEU B 70 -21.91 -9.38 4.40
C LEU B 70 -21.26 -8.22 5.14
N GLU B 71 -20.07 -8.44 5.67
CA GLU B 71 -19.41 -7.40 6.44
C GLU B 71 -19.15 -6.16 5.59
N ARG B 72 -18.65 -6.36 4.37
CA ARG B 72 -18.37 -5.26 3.47
C ARG B 72 -19.62 -4.46 3.14
N GLU B 73 -20.78 -5.10 3.12
CA GLU B 73 -22.03 -4.38 2.85
C GLU B 73 -22.73 -3.92 4.13
N SER B 74 -22.17 -4.23 5.30
CA SER B 74 -22.76 -3.85 6.58
C SER B 74 -22.23 -2.50 7.03
N GLU B 75 -22.92 -1.90 8.00
CA GLU B 75 -22.51 -0.65 8.61
C GLU B 75 -22.10 -0.88 10.05
N PHE B 76 -20.93 -0.37 10.42
CA PHE B 76 -20.40 -0.44 11.76
C PHE B 76 -20.20 0.98 12.29
N THR B 77 -20.24 1.13 13.61
CA THR B 77 -20.13 2.46 14.22
C THR B 77 -19.25 2.36 15.46
N THR B 78 -18.62 3.47 15.82
CA THR B 78 -17.88 3.54 17.07
C THR B 78 -18.87 3.65 18.24
N SER B 79 -18.53 2.99 19.35
CA SER B 79 -19.51 2.69 20.40
C SER B 79 -19.88 3.89 21.28
N SER B 80 -19.22 5.03 21.14
CA SER B 80 -19.60 6.18 21.97
C SER B 80 -19.53 7.44 21.12
N SER B 81 -20.09 8.52 21.68
CA SER B 81 -20.00 9.81 21.04
C SER B 81 -18.65 10.49 21.27
N LEU B 82 -17.83 9.94 22.15
CA LEU B 82 -16.55 10.53 22.46
C LEU B 82 -15.49 10.14 21.45
N ASP B 83 -14.53 11.03 21.25
CA ASP B 83 -13.40 10.72 20.38
C ASP B 83 -12.40 9.88 21.18
N PRO B 84 -12.16 8.63 20.79
CA PRO B 84 -11.23 7.78 21.57
C PRO B 84 -9.84 8.35 21.68
N LEU B 85 -9.36 9.04 20.64
CA LEU B 85 -8.05 9.66 20.71
C LEU B 85 -8.02 10.77 21.76
N GLU B 86 -9.10 11.55 21.85
CA GLU B 86 -9.17 12.60 22.86
C GLU B 86 -9.28 12.01 24.26
N VAL B 87 -10.08 10.96 24.43
CA VAL B 87 -10.20 10.33 25.74
C VAL B 87 -8.85 9.78 26.21
N ARG B 88 -8.13 9.09 25.32
CA ARG B 88 -6.86 8.52 25.75
C ARG B 88 -5.83 9.60 26.01
N ARG B 89 -5.83 10.68 25.21
CA ARG B 89 -4.92 11.78 25.48
C ARG B 89 -5.15 12.35 26.87
N PHE B 90 -6.42 12.53 27.26
CA PHE B 90 -6.73 12.99 28.61
C PHE B 90 -6.26 12.01 29.66
N LEU B 91 -6.62 10.73 29.51
CA LEU B 91 -6.27 9.71 30.49
C LEU B 91 -4.76 9.60 30.64
N PHE B 92 -4.04 9.52 29.52
CA PHE B 92 -2.60 9.27 29.59
C PHE B 92 -1.86 10.47 30.14
N SER B 93 -2.36 11.68 29.87
CA SER B 93 -1.72 12.86 30.41
C SER B 93 -1.86 12.95 31.92
N ARG B 94 -2.82 12.24 32.52
CA ARG B 94 -3.00 12.26 33.97
C ARG B 94 -2.26 11.12 34.67
N GLY B 95 -1.46 10.35 33.94
CA GLY B 95 -0.72 9.25 34.52
C GLY B 95 -1.39 7.89 34.41
N TYR B 96 -2.35 7.72 33.51
CA TYR B 96 -3.06 6.44 33.42
C TYR B 96 -2.11 5.26 33.22
N VAL B 97 -1.08 5.43 32.39
CA VAL B 97 -0.23 4.27 32.09
C VAL B 97 0.74 3.99 33.23
N THR B 98 1.22 5.02 33.93
CA THR B 98 2.27 4.85 34.92
C THR B 98 1.77 4.73 36.35
N SER B 99 0.48 4.94 36.61
CA SER B 99 -0.07 4.77 37.97
C SER B 99 -1.31 3.91 37.88
N GLU B 100 -1.12 2.57 37.90
CA GLU B 100 -2.26 1.66 37.89
C GLU B 100 -3.20 1.96 39.05
N ILE B 101 -2.66 2.30 40.21
CA ILE B 101 -3.46 2.49 41.41
C ILE B 101 -4.39 3.71 41.31
N GLU B 102 -4.13 4.65 40.40
CA GLU B 102 -4.97 5.83 40.26
C GLU B 102 -5.97 5.74 39.12
N ARG B 103 -6.08 4.59 38.43
CA ARG B 103 -6.83 4.57 37.17
C ARG B 103 -8.31 4.83 37.40
N ALA B 104 -8.91 4.24 38.45
CA ALA B 104 -10.30 4.50 38.73
C ALA B 104 -10.53 5.99 39.02
N LYS B 105 -9.61 6.60 39.76
CA LYS B 105 -9.69 8.04 40.01
C LYS B 105 -9.58 8.83 38.71
N ILE B 106 -8.62 8.48 37.86
CA ILE B 106 -8.41 9.22 36.61
C ILE B 106 -9.60 9.06 35.68
N ILE B 107 -10.21 7.86 35.66
CA ILE B 107 -11.39 7.65 34.84
C ILE B 107 -12.55 8.51 35.33
N ALA B 108 -12.69 8.67 36.64
CA ALA B 108 -13.75 9.52 37.18
C ALA B 108 -13.53 10.99 36.82
N GLU B 109 -12.27 11.44 36.82
CA GLU B 109 -11.96 12.79 36.35
C GLU B 109 -12.33 12.96 34.88
N ALA B 110 -12.00 11.98 34.05
CA ALA B 110 -12.40 12.04 32.65
C ALA B 110 -13.91 12.14 32.52
N ALA B 111 -14.64 11.34 33.30
CA ALA B 111 -16.10 11.36 33.22
C ALA B 111 -16.64 12.75 33.53
N THR B 112 -16.01 13.47 34.45
CA THR B 112 -16.42 14.85 34.73
C THR B 112 -16.00 15.79 33.60
N TYR B 113 -14.78 15.61 33.09
CA TYR B 113 -14.28 16.47 32.01
C TYR B 113 -15.11 16.31 30.74
N PHE B 114 -15.58 15.10 30.44
CA PHE B 114 -16.32 14.84 29.21
C PHE B 114 -17.83 14.84 29.44
N ASN B 115 -18.28 15.20 30.65
CA ASN B 115 -19.70 15.30 31.00
C ASN B 115 -20.44 13.99 30.73
N THR B 116 -19.92 12.90 31.29
CA THR B 116 -20.53 11.59 31.07
C THR B 116 -20.22 10.70 32.28
N THR B 117 -20.48 9.40 32.12
CA THR B 117 -20.28 8.43 33.19
C THR B 117 -18.92 7.76 33.05
N PRO B 118 -18.39 7.21 34.14
CA PRO B 118 -17.19 6.38 34.03
C PRO B 118 -17.38 5.22 33.06
N GLU B 119 -18.59 4.65 32.99
CA GLU B 119 -18.79 3.52 32.08
C GLU B 119 -18.68 3.94 30.62
N GLU B 120 -19.08 5.16 30.30
CA GLU B 120 -18.89 5.65 28.94
C GLU B 120 -17.41 5.91 28.64
N ILE B 121 -16.67 6.43 29.63
CA ILE B 121 -15.22 6.58 29.43
C ILE B 121 -14.59 5.24 29.12
N GLU B 122 -15.01 4.18 29.84
CA GLU B 122 -14.44 2.86 29.61
C GLU B 122 -14.85 2.29 28.27
N ARG B 123 -16.08 2.57 27.81
CA ARG B 123 -16.48 2.17 26.46
C ARG B 123 -15.69 2.93 25.40
N ALA B 124 -15.48 4.23 25.60
CA ALA B 124 -14.84 5.06 24.58
C ALA B 124 -13.33 4.81 24.49
N MET B 125 -12.71 4.34 25.58
CA MET B 125 -11.25 4.35 25.74
C MET B 125 -10.55 3.63 24.59
N PHE B 126 -11.04 2.45 24.21
CA PHE B 126 -10.47 1.68 23.11
C PHE B 126 -11.50 1.42 22.02
N ALA B 127 -12.42 2.36 21.84
CA ALA B 127 -13.51 2.18 20.88
C ALA B 127 -13.04 2.22 19.44
N ASP B 128 -11.80 2.62 19.16
CA ASP B 128 -11.30 2.60 17.79
C ASP B 128 -10.78 1.23 17.38
N ARG B 129 -10.75 0.26 18.29
CA ARG B 129 -10.38 -1.11 17.91
C ARG B 129 -11.47 -1.71 17.04
N GLU B 130 -11.05 -2.43 15.99
CA GLU B 130 -12.03 -3.10 15.13
C GLU B 130 -12.90 -4.06 15.92
N GLU B 131 -12.33 -4.76 16.90
CA GLU B 131 -13.10 -5.70 17.68
C GLU B 131 -14.25 -5.04 18.43
N GLU B 132 -14.18 -3.72 18.65
CA GLU B 132 -15.17 -3.03 19.46
C GLU B 132 -16.16 -2.21 18.63
N LYS B 133 -16.01 -2.16 17.30
CA LYS B 133 -17.02 -1.49 16.49
C LYS B 133 -18.36 -2.22 16.59
N ILE B 134 -19.45 -1.45 16.55
CA ILE B 134 -20.79 -1.99 16.73
C ILE B 134 -21.43 -2.17 15.37
N LEU B 135 -22.06 -3.32 15.16
CA LEU B 135 -22.84 -3.60 13.96
C LEU B 135 -24.17 -2.87 14.06
N THR B 136 -24.39 -1.89 13.18
CA THR B 136 -25.62 -1.10 13.20
C THR B 136 -26.59 -1.39 12.09
N ARG B 137 -26.13 -1.94 10.97
CA ARG B 137 -27.02 -2.22 9.86
C ARG B 137 -26.46 -3.39 9.08
N VAL B 138 -27.32 -4.34 8.75
CA VAL B 138 -26.98 -5.52 7.97
C VAL B 138 -27.70 -5.37 6.64
N PRO B 139 -27.10 -5.70 5.50
CA PRO B 139 -27.79 -5.57 4.22
C PRO B 139 -28.95 -6.55 4.11
N GLY B 140 -29.92 -6.19 3.27
CA GLY B 140 -31.09 -7.03 3.06
C GLY B 140 -30.87 -8.14 2.06
N ILE B 141 -29.63 -8.60 1.95
CA ILE B 141 -29.23 -9.59 0.96
C ILE B 141 -29.81 -10.95 1.29
N SER B 142 -30.22 -11.69 0.26
CA SER B 142 -30.81 -13.02 0.39
C SER B 142 -29.74 -14.11 0.37
N GLU B 143 -30.12 -15.34 0.73
CA GLU B 143 -29.17 -16.44 0.64
C GLU B 143 -28.72 -16.64 -0.80
N GLU B 144 -29.64 -16.52 -1.75
CA GLU B 144 -29.27 -16.72 -3.15
C GLU B 144 -28.34 -15.63 -3.64
N GLU B 145 -28.61 -14.36 -3.29
CA GLU B 145 -27.71 -13.28 -3.69
C GLU B 145 -26.33 -13.44 -3.03
N LEU B 146 -26.30 -13.87 -1.78
CA LEU B 146 -25.01 -14.13 -1.13
C LEU B 146 -24.22 -15.20 -1.85
N ILE B 147 -24.89 -16.28 -2.26
CA ILE B 147 -24.20 -17.35 -2.97
C ILE B 147 -23.68 -16.87 -4.31
N ARG B 148 -24.47 -16.06 -5.02
CA ARG B 148 -24.04 -15.52 -6.31
C ARG B 148 -22.83 -14.61 -6.15
N ARG B 149 -22.86 -13.72 -5.16
CA ARG B 149 -21.74 -12.80 -4.93
C ARG B 149 -20.49 -13.55 -4.48
N TYR B 150 -20.65 -14.57 -3.64
CA TYR B 150 -19.51 -15.40 -3.28
C TYR B 150 -18.86 -16.02 -4.51
N ASN B 151 -19.67 -16.56 -5.42
CA ASN B 151 -19.12 -17.25 -6.60
C ASN B 151 -18.39 -16.27 -7.51
N LEU B 152 -18.92 -15.07 -7.69
CA LEU B 152 -18.22 -14.07 -8.49
C LEU B 152 -16.88 -13.70 -7.83
N SER B 153 -16.89 -13.50 -6.50
CA SER B 153 -15.65 -13.14 -5.81
C SER B 153 -14.62 -14.26 -5.90
N LEU B 154 -15.08 -15.52 -5.84
CA LEU B 154 -14.18 -16.67 -6.03
C LEU B 154 -13.54 -16.67 -7.41
N LEU B 155 -14.37 -16.51 -8.45
CA LEU B 155 -13.84 -16.44 -9.81
C LEU B 155 -12.85 -15.28 -9.95
N GLN B 156 -13.18 -14.12 -9.38
CA GLN B 156 -12.28 -12.98 -9.42
C GLN B 156 -10.97 -13.26 -8.69
N THR B 157 -11.07 -13.92 -7.54
CA THR B 157 -9.87 -14.22 -6.76
C THR B 157 -8.91 -15.10 -7.54
N LEU B 158 -9.44 -16.10 -8.24
CA LEU B 158 -8.58 -17.01 -9.01
C LEU B 158 -7.73 -16.25 -10.02
N MET B 159 -8.31 -15.23 -10.66
CA MET B 159 -7.59 -14.50 -11.70
C MET B 159 -6.38 -13.73 -11.19
N PHE B 160 -6.28 -13.49 -9.87
CA PHE B 160 -5.07 -12.90 -9.34
C PHE B 160 -3.85 -13.80 -9.53
N ASN B 161 -4.05 -15.09 -9.76
CA ASN B 161 -2.95 -15.99 -10.09
C ASN B 161 -2.89 -16.37 -11.57
N SER B 162 -3.64 -15.69 -12.42
CA SER B 162 -3.65 -16.05 -13.83
C SER B 162 -2.44 -15.47 -14.55
N ALA B 163 -1.79 -16.30 -15.37
CA ALA B 163 -0.82 -15.79 -16.34
C ALA B 163 -1.53 -15.17 -17.54
N ARG B 164 -2.67 -15.75 -17.93
CA ARG B 164 -3.51 -15.20 -18.98
C ARG B 164 -4.91 -15.79 -18.81
N MET B 165 -5.90 -15.01 -19.21
CA MET B 165 -7.28 -15.44 -19.21
C MET B 165 -7.86 -15.08 -20.57
N SER B 166 -8.45 -16.05 -21.26
CA SER B 166 -9.07 -15.79 -22.55
C SER B 166 -10.57 -16.01 -22.43
N PHE B 167 -11.36 -15.26 -23.20
CA PHE B 167 -12.80 -15.37 -23.09
C PHE B 167 -13.47 -14.99 -24.40
N ARG B 168 -14.72 -15.43 -24.50
CA ARG B 168 -15.62 -15.11 -25.60
C ARG B 168 -16.95 -14.72 -24.97
N VAL B 169 -17.64 -13.76 -25.58
CA VAL B 169 -18.96 -13.36 -25.14
C VAL B 169 -19.86 -13.29 -26.37
N SER B 170 -21.15 -13.52 -26.16
CA SER B 170 -22.11 -13.49 -27.24
C SER B 170 -22.63 -12.08 -27.55
N GLU B 171 -22.35 -11.11 -26.69
CA GLU B 171 -22.89 -9.76 -26.82
C GLU B 171 -22.05 -8.83 -25.97
N ASN B 172 -22.32 -7.52 -26.13
CA ASN B 172 -21.72 -6.46 -25.32
C ASN B 172 -20.24 -6.25 -25.62
N HIS B 173 -19.82 -6.49 -26.86
CA HIS B 173 -18.40 -6.37 -27.18
C HIS B 173 -17.91 -4.94 -26.99
N LYS B 174 -18.70 -3.96 -27.44
CA LYS B 174 -18.27 -2.56 -27.36
C LYS B 174 -18.03 -2.13 -25.92
N ARG B 175 -18.92 -2.51 -25.00
CA ARG B 175 -18.74 -2.16 -23.60
C ARG B 175 -17.53 -2.88 -23.01
N ILE B 176 -17.31 -4.14 -23.41
CA ILE B 176 -16.15 -4.88 -22.91
C ILE B 176 -14.86 -4.27 -23.41
N PHE B 177 -14.83 -3.89 -24.70
CA PHE B 177 -13.62 -3.25 -25.23
C PHE B 177 -13.37 -1.90 -24.54
N ARG B 178 -14.42 -1.11 -24.30
CA ARG B 178 -14.25 0.15 -23.56
C ARG B 178 -13.70 -0.10 -22.16
N LEU B 179 -14.21 -1.14 -21.48
CA LEU B 179 -13.77 -1.44 -20.13
C LEU B 179 -12.30 -1.88 -20.10
N ILE B 180 -11.91 -2.71 -21.08
CA ILE B 180 -10.51 -3.14 -21.15
C ILE B 180 -9.58 -1.93 -21.18
N LYS B 181 -9.93 -0.92 -21.97
CA LYS B 181 -9.11 0.29 -22.05
C LYS B 181 -9.20 1.10 -20.75
N LEU B 182 -10.41 1.27 -20.21
CA LEU B 182 -10.57 2.03 -18.98
C LEU B 182 -9.78 1.39 -17.85
N LEU B 183 -9.73 0.06 -17.84
CA LEU B 183 -9.03 -0.67 -16.78
C LEU B 183 -7.54 -0.78 -17.03
N GLY B 184 -7.05 -0.40 -18.21
CA GLY B 184 -5.64 -0.46 -18.52
C GLY B 184 -5.10 -1.86 -18.71
N LEU B 185 -5.93 -2.79 -19.17
CA LEU B 185 -5.50 -4.18 -19.25
C LEU B 185 -4.63 -4.41 -20.47
N MET B 186 -3.76 -5.41 -20.36
CA MET B 186 -3.00 -5.91 -21.50
C MET B 186 -3.89 -6.93 -22.20
N TYR B 187 -4.18 -6.70 -23.48
CA TYR B 187 -5.15 -7.51 -24.20
C TYR B 187 -4.59 -7.95 -25.56
N GLU B 188 -5.19 -9.01 -26.10
CA GLU B 188 -4.96 -9.38 -27.49
C GLU B 188 -6.27 -9.96 -28.03
N ILE B 189 -6.72 -9.46 -29.18
CA ILE B 189 -7.99 -9.88 -29.77
C ILE B 189 -7.71 -10.61 -31.07
N SER B 190 -8.25 -11.82 -31.19
CA SER B 190 -8.13 -12.62 -32.41
C SER B 190 -9.50 -13.21 -32.71
N GLY B 191 -10.15 -12.69 -33.75
CA GLY B 191 -11.51 -13.11 -34.04
C GLY B 191 -12.40 -12.85 -32.83
N GLU B 192 -13.09 -13.88 -32.36
CA GLU B 192 -13.97 -13.73 -31.20
C GLU B 192 -13.25 -13.91 -29.87
N ASN B 193 -12.00 -14.38 -29.89
CA ASN B 193 -11.24 -14.68 -28.68
C ASN B 193 -10.53 -13.44 -28.17
N ILE B 194 -10.77 -13.10 -26.90
CA ILE B 194 -10.14 -11.95 -26.26
C ILE B 194 -9.23 -12.47 -25.16
N GLU B 195 -7.94 -12.20 -25.27
CA GLU B 195 -6.98 -12.71 -24.30
C GLU B 195 -6.43 -11.55 -23.45
N ILE B 196 -6.51 -11.70 -22.13
CA ILE B 196 -6.05 -10.71 -21.15
C ILE B 196 -4.81 -11.28 -20.48
N THR B 197 -3.69 -10.58 -20.57
CA THR B 197 -2.53 -10.99 -19.79
C THR B 197 -2.81 -10.80 -18.31
N GLY B 198 -2.47 -11.81 -17.50
CA GLY B 198 -2.78 -11.79 -16.08
C GLY B 198 -1.62 -11.33 -15.21
N PRO B 199 -1.87 -11.11 -13.91
CA PRO B 199 -0.81 -10.60 -13.04
C PRO B 199 0.28 -11.61 -12.70
N ALA B 200 0.10 -12.89 -13.01
CA ALA B 200 1.24 -13.80 -12.90
C ALA B 200 2.24 -13.59 -14.02
N SER B 201 1.93 -12.69 -14.97
CA SER B 201 2.80 -12.40 -16.10
C SER B 201 3.40 -10.99 -16.00
N ILE B 202 3.40 -10.39 -14.82
CA ILE B 202 4.07 -9.12 -14.59
C ILE B 202 4.95 -9.27 -13.35
N LEU B 203 5.87 -8.33 -13.17
CA LEU B 203 6.81 -8.42 -12.06
C LEU B 203 6.42 -7.59 -10.84
N LYS B 204 5.62 -6.55 -11.01
CA LYS B 204 5.24 -5.66 -9.92
C LYS B 204 3.86 -5.12 -10.23
N MET B 205 3.31 -4.35 -9.30
CA MET B 205 1.95 -3.80 -9.42
C MET B 205 0.93 -4.93 -9.53
N THR B 206 1.22 -6.09 -8.92
CA THR B 206 0.39 -7.26 -9.13
C THR B 206 -0.98 -7.10 -8.47
N ARG B 207 -1.02 -6.48 -7.29
CA ARG B 207 -2.31 -6.24 -6.62
C ARG B 207 -3.15 -5.25 -7.42
N LYS B 208 -2.54 -4.13 -7.83
CA LYS B 208 -3.24 -3.14 -8.64
C LYS B 208 -3.73 -3.74 -9.96
N TYR B 209 -2.87 -4.48 -10.65
CA TYR B 209 -3.28 -5.06 -11.94
C TYR B 209 -4.37 -6.11 -11.75
N GLY B 210 -4.18 -7.02 -10.79
CA GLY B 210 -5.20 -8.04 -10.56
C GLY B 210 -6.54 -7.47 -10.16
N THR B 211 -6.53 -6.40 -9.37
CA THR B 211 -7.79 -5.73 -9.01
C THR B 211 -8.47 -5.14 -10.24
N SER B 212 -7.70 -4.53 -11.14
CA SER B 212 -8.26 -4.05 -12.40
C SER B 212 -8.81 -5.19 -13.23
N MET B 213 -8.06 -6.28 -13.36
CA MET B 213 -8.53 -7.42 -14.12
C MET B 213 -9.80 -8.01 -13.50
N ALA B 214 -9.87 -8.04 -12.16
CA ALA B 214 -11.07 -8.56 -11.50
C ALA B 214 -12.33 -7.80 -11.92
N LYS B 215 -12.21 -6.51 -12.21
CA LYS B 215 -13.38 -5.70 -12.53
C LYS B 215 -13.97 -6.00 -13.90
N LEU B 216 -13.24 -6.68 -14.77
CA LEU B 216 -13.77 -7.08 -16.06
C LEU B 216 -14.69 -8.29 -15.98
N ILE B 217 -14.43 -9.19 -15.03
CA ILE B 217 -15.20 -10.44 -14.94
C ILE B 217 -16.71 -10.23 -14.81
N PRO B 218 -17.22 -9.32 -13.97
CA PRO B 218 -18.68 -9.14 -13.91
C PRO B 218 -19.31 -8.80 -15.25
N GLU B 219 -18.58 -8.10 -16.12
CA GLU B 219 -19.12 -7.76 -17.43
C GLU B 219 -19.14 -8.97 -18.36
N ILE B 220 -18.12 -9.82 -18.27
CA ILE B 220 -18.10 -11.03 -19.07
C ILE B 220 -19.31 -11.91 -18.76
N VAL B 221 -19.55 -12.20 -17.48
CA VAL B 221 -20.55 -13.21 -17.14
C VAL B 221 -21.97 -12.69 -17.24
N LYS B 222 -22.14 -11.40 -17.58
CA LYS B 222 -23.46 -10.87 -17.85
C LYS B 222 -23.94 -11.19 -19.26
N ALA B 223 -23.05 -11.64 -20.14
CA ALA B 223 -23.46 -11.96 -21.51
C ALA B 223 -24.30 -13.22 -21.52
N LYS B 224 -25.22 -13.31 -22.50
CA LYS B 224 -26.12 -14.46 -22.54
C LYS B 224 -25.33 -15.77 -22.60
N GLU B 225 -24.30 -15.81 -23.43
CA GLU B 225 -23.38 -16.93 -23.48
C GLU B 225 -21.95 -16.40 -23.34
N TRP B 226 -21.15 -17.12 -22.56
CA TRP B 226 -19.76 -16.72 -22.35
C TRP B 226 -18.97 -17.97 -22.03
N ALA B 227 -17.65 -17.86 -22.21
CA ALA B 227 -16.72 -18.94 -21.91
C ALA B 227 -15.41 -18.30 -21.50
N ILE B 228 -14.80 -18.83 -20.44
CA ILE B 228 -13.52 -18.33 -19.93
C ILE B 228 -12.54 -19.50 -19.92
N LYS B 229 -11.28 -19.23 -20.30
CA LYS B 229 -10.20 -20.18 -20.09
C LYS B 229 -9.05 -19.43 -19.45
N ALA B 230 -8.28 -20.07 -18.58
CA ALA B 230 -7.18 -19.34 -17.94
C ALA B 230 -6.04 -20.28 -17.65
N GLU B 231 -4.83 -19.73 -17.65
CA GLU B 231 -3.66 -20.46 -17.21
C GLU B 231 -3.24 -19.88 -15.87
N ILE B 232 -3.16 -20.74 -14.87
CA ILE B 232 -3.00 -20.34 -13.47
C ILE B 232 -1.61 -20.79 -13.03
N ILE B 233 -0.86 -19.89 -12.41
CA ILE B 233 0.45 -20.23 -11.86
C ILE B 233 0.36 -20.19 -10.33
N GLU B 234 0.84 -21.25 -9.68
CA GLU B 234 0.94 -21.27 -8.22
C GLU B 234 2.31 -21.79 -7.89
N ASP B 235 3.19 -20.88 -7.45
CA ASP B 235 4.60 -21.19 -7.21
C ASP B 235 5.20 -21.63 -8.55
N LYS B 236 5.67 -22.87 -8.70
CA LYS B 236 6.23 -23.36 -9.94
C LYS B 236 5.29 -24.36 -10.61
N ARG B 237 4.03 -24.37 -10.21
CA ARG B 237 3.04 -25.30 -10.77
C ARG B 237 2.09 -24.51 -11.64
N VAL B 238 1.64 -25.12 -12.74
CA VAL B 238 0.70 -24.48 -13.65
C VAL B 238 -0.55 -25.34 -13.75
N TYR B 239 -1.68 -24.70 -13.96
CA TYR B 239 -2.97 -25.37 -14.05
C TYR B 239 -3.80 -24.72 -15.13
N PHE B 240 -4.65 -25.51 -15.76
CA PHE B 240 -5.62 -25.04 -16.75
C PHE B 240 -6.98 -24.94 -16.10
N PHE B 241 -7.63 -23.79 -16.28
CA PHE B 241 -8.96 -23.53 -15.75
C PHE B 241 -9.88 -23.20 -16.92
N GLU B 242 -11.12 -23.72 -16.88
CA GLU B 242 -12.11 -23.36 -17.89
C GLU B 242 -13.49 -23.39 -17.27
N LEU B 243 -14.33 -22.46 -17.70
CA LEU B 243 -15.69 -22.29 -17.19
C LEU B 243 -16.50 -21.65 -18.29
N SER B 244 -17.76 -22.05 -18.44
CA SER B 244 -18.60 -21.36 -19.41
C SER B 244 -19.99 -21.17 -18.80
N SER B 245 -20.80 -20.37 -19.48
CA SER B 245 -22.19 -20.21 -19.05
C SER B 245 -22.92 -21.55 -19.00
N GLU B 246 -22.46 -22.55 -19.78
CA GLU B 246 -23.14 -23.85 -19.78
C GLU B 246 -22.94 -24.61 -18.47
N ASP B 247 -21.94 -24.23 -17.67
CA ASP B 247 -21.74 -24.85 -16.36
C ASP B 247 -22.76 -24.40 -15.30
N ASP B 248 -23.60 -23.39 -15.61
CA ASP B 248 -24.73 -22.99 -14.76
C ASP B 248 -24.30 -22.60 -13.35
N ILE B 249 -23.12 -21.99 -13.18
CA ILE B 249 -22.77 -21.46 -11.87
C ILE B 249 -23.66 -20.28 -11.54
N LEU B 250 -24.15 -20.24 -10.29
CA LEU B 250 -24.96 -19.13 -9.81
C LEU B 250 -24.10 -17.88 -9.67
N LEU B 251 -24.39 -16.86 -10.46
CA LEU B 251 -23.61 -15.63 -10.52
C LEU B 251 -24.52 -14.42 -10.55
N PRO B 252 -24.01 -13.24 -10.18
CA PRO B 252 -24.85 -12.05 -10.17
C PRO B 252 -24.77 -11.33 -11.51
N LYS B 253 -25.66 -10.36 -11.66
CA LYS B 253 -25.70 -9.45 -12.80
C LYS B 253 -25.46 -8.07 -12.22
N LEU B 254 -24.24 -7.55 -12.34
CA LEU B 254 -23.86 -6.33 -11.66
C LEU B 254 -23.61 -5.21 -12.67
N GLU B 255 -24.05 -4.01 -12.32
CA GLU B 255 -23.74 -2.83 -13.11
C GLU B 255 -22.28 -2.44 -12.90
N VAL B 256 -21.55 -2.29 -14.00
CA VAL B 256 -20.11 -2.04 -13.95
C VAL B 256 -19.84 -0.64 -14.44
N SER B 257 -19.15 0.15 -13.62
CA SER B 257 -18.78 1.52 -13.95
C SER B 257 -17.35 1.76 -13.51
N VAL B 258 -16.54 2.34 -14.40
CA VAL B 258 -15.18 2.76 -14.10
C VAL B 258 -15.06 4.23 -14.42
N GLU B 259 -14.57 5.00 -13.45
CA GLU B 259 -14.46 6.45 -13.60
C GLU B 259 -13.27 6.80 -14.49
N TYR B 260 -13.51 7.68 -15.47
CA TYR B 260 -12.48 8.13 -16.39
C TYR B 260 -12.41 9.65 -16.39
N ASP B 261 -11.19 10.18 -16.36
CA ASP B 261 -11.01 11.63 -16.45
C ASP B 261 -11.10 12.08 -17.92
N SER B 262 -10.09 11.71 -18.72
CA SER B 262 -9.94 11.96 -20.16
C SER B 262 -9.24 13.29 -20.45
N SER B 263 -8.49 13.81 -19.48
CA SER B 263 -7.86 15.12 -19.67
C SER B 263 -6.69 15.04 -20.64
N LEU B 264 -5.81 14.05 -20.48
CA LEU B 264 -4.70 13.87 -21.42
C LEU B 264 -5.21 13.68 -22.84
N GLU B 265 -6.31 12.93 -22.98
CA GLU B 265 -6.92 12.70 -24.29
C GLU B 265 -7.23 14.01 -24.99
N ARG B 266 -8.06 14.84 -24.34
CA ARG B 266 -8.50 16.10 -24.96
C ARG B 266 -7.32 16.98 -25.33
N GLU B 267 -6.30 17.06 -24.46
CA GLU B 267 -5.16 17.90 -24.78
C GLU B 267 -4.41 17.37 -25.98
N PHE B 268 -4.30 16.04 -26.08
CA PHE B 268 -3.62 15.43 -27.22
C PHE B 268 -4.30 15.82 -28.53
N VAL B 269 -5.63 15.71 -28.56
CA VAL B 269 -6.41 16.07 -29.75
C VAL B 269 -6.14 17.52 -30.16
N THR B 270 -6.25 18.45 -29.20
CA THR B 270 -6.13 19.86 -29.53
C THR B 270 -4.74 20.22 -30.00
N LYS B 271 -3.70 19.69 -29.34
CA LYS B 271 -2.33 20.01 -29.72
C LYS B 271 -2.00 19.47 -31.10
N ILE B 272 -2.36 18.20 -31.36
CA ILE B 272 -2.02 17.58 -32.63
C ILE B 272 -2.78 18.25 -33.77
N LYS B 273 -4.06 18.59 -33.53
CA LYS B 273 -4.80 19.34 -34.55
C LYS B 273 -4.13 20.65 -34.90
N ARG B 274 -3.67 21.39 -33.89
CA ARG B 274 -3.08 22.70 -34.16
C ARG B 274 -1.70 22.56 -34.80
N ILE B 275 -0.84 21.71 -34.24
CA ILE B 275 0.55 21.68 -34.71
C ILE B 275 0.65 20.94 -36.04
N LEU B 276 -0.12 19.86 -36.21
CA LEU B 276 -0.04 19.07 -37.43
C LEU B 276 -1.05 19.48 -38.49
N GLY B 277 -2.07 20.25 -38.13
CA GLY B 277 -3.12 20.55 -39.10
C GLY B 277 -3.80 19.30 -39.65
N VAL B 278 -4.11 18.34 -38.78
CA VAL B 278 -4.75 17.11 -39.18
C VAL B 278 -6.08 16.98 -38.45
N GLU B 279 -6.91 16.07 -38.94
CA GLU B 279 -8.11 15.67 -38.21
C GLU B 279 -7.75 14.58 -37.22
N VAL B 280 -8.28 14.70 -36.01
CA VAL B 280 -8.05 13.70 -34.96
C VAL B 280 -9.40 13.23 -34.46
N ILE B 281 -9.66 11.94 -34.61
CA ILE B 281 -10.91 11.31 -34.18
C ILE B 281 -10.64 10.53 -32.90
N ARG B 282 -11.35 10.87 -31.85
CA ARG B 282 -11.22 10.22 -30.55
C ARG B 282 -12.01 8.92 -30.52
N GLU B 283 -11.42 7.91 -29.90
CA GLU B 283 -12.01 6.58 -29.73
C GLU B 283 -12.67 6.12 -31.03
N PRO B 284 -11.89 5.89 -32.11
CA PRO B 284 -12.49 5.30 -33.32
C PRO B 284 -12.97 3.90 -33.01
N GLY B 285 -13.45 3.17 -34.01
CA GLY B 285 -13.92 1.84 -33.73
C GLY B 285 -12.77 0.89 -33.42
N ILE B 286 -13.14 -0.38 -33.22
CA ILE B 286 -12.15 -1.45 -33.26
C ILE B 286 -11.61 -1.55 -34.67
N ILE B 287 -10.32 -1.87 -34.81
CA ILE B 287 -9.74 -2.02 -36.14
C ILE B 287 -9.09 -3.39 -36.22
N LYS B 288 -9.36 -4.08 -37.32
CA LYS B 288 -8.73 -5.35 -37.63
C LYS B 288 -7.47 -5.08 -38.44
N ALA B 289 -6.39 -5.74 -38.08
CA ALA B 289 -5.14 -5.70 -38.86
C ALA B 289 -4.59 -7.10 -38.87
N GLY B 290 -4.68 -7.77 -40.01
CA GLY B 290 -4.27 -9.16 -40.07
C GLY B 290 -5.30 -10.01 -39.34
N GLN B 291 -4.81 -10.98 -38.57
CA GLN B 291 -5.65 -11.90 -37.81
C GLN B 291 -6.03 -11.33 -36.45
N TYR B 292 -5.63 -10.11 -36.15
CA TYR B 292 -5.80 -9.51 -34.84
C TYR B 292 -6.63 -8.24 -34.93
N ALA B 293 -7.10 -7.78 -33.77
CA ALA B 293 -7.90 -6.57 -33.71
C ALA B 293 -7.39 -5.69 -32.57
N TYR B 294 -7.59 -4.39 -32.70
CA TYR B 294 -7.01 -3.43 -31.77
C TYR B 294 -8.04 -2.38 -31.40
N ILE B 295 -7.90 -1.83 -30.19
CA ILE B 295 -8.78 -0.77 -29.69
C ILE B 295 -8.00 0.53 -29.60
N PRO B 296 -7.92 1.31 -30.67
CA PRO B 296 -7.07 2.51 -30.65
C PRO B 296 -7.74 3.65 -29.90
N ASP B 297 -6.90 4.56 -29.42
CA ASP B 297 -7.37 5.77 -28.76
C ASP B 297 -7.66 6.90 -29.72
N PHE B 298 -6.96 6.96 -30.86
CA PHE B 298 -7.12 8.06 -31.78
C PHE B 298 -6.92 7.57 -33.21
N LEU B 299 -7.59 8.23 -34.14
CA LEU B 299 -7.34 8.08 -35.56
C LEU B 299 -6.96 9.43 -36.11
N ILE B 300 -5.80 9.50 -36.76
CA ILE B 300 -5.33 10.74 -37.38
C ILE B 300 -5.36 10.57 -38.88
N ARG B 301 -6.02 11.51 -39.57
CA ARG B 301 -6.24 11.43 -41.00
C ARG B 301 -5.68 12.68 -41.65
N LYS B 302 -4.96 12.51 -42.75
CA LYS B 302 -4.44 13.62 -43.52
C LYS B 302 -4.39 13.19 -44.98
N ASN B 303 -4.86 14.07 -45.87
CA ASN B 303 -4.89 13.84 -47.31
C ASN B 303 -5.18 12.38 -47.65
N GLY B 304 -6.17 11.81 -46.97
CA GLY B 304 -6.52 10.42 -47.17
C GLY B 304 -5.67 9.42 -46.42
N LYS B 305 -4.47 9.78 -45.96
CA LYS B 305 -3.72 8.82 -45.16
C LYS B 305 -4.25 8.76 -43.73
N GLU B 306 -4.04 7.61 -43.10
CA GLU B 306 -4.65 7.31 -41.80
C GLU B 306 -3.60 6.69 -40.90
N VAL B 307 -3.53 7.17 -39.65
CA VAL B 307 -2.63 6.58 -38.66
C VAL B 307 -3.40 6.44 -37.35
N TYR B 308 -3.36 5.26 -36.76
CA TYR B 308 -3.99 5.05 -35.47
C TYR B 308 -2.95 5.23 -34.36
N VAL B 309 -3.44 5.65 -33.19
CA VAL B 309 -2.58 5.84 -32.03
C VAL B 309 -3.24 5.11 -30.86
N GLU B 310 -2.48 4.27 -30.19
CA GLU B 310 -3.00 3.59 -29.00
C GLU B 310 -2.10 3.91 -27.81
N ILE B 311 -2.72 4.31 -26.71
CA ILE B 311 -2.01 4.48 -25.45
C ILE B 311 -2.22 3.21 -24.64
N ALA B 312 -1.13 2.52 -24.34
CA ALA B 312 -1.24 1.31 -23.55
C ALA B 312 -1.63 1.64 -22.11
N GLY B 313 -2.14 0.62 -21.41
CA GLY B 313 -2.33 0.74 -19.98
C GLY B 313 -1.11 0.19 -19.28
N PHE B 314 -1.30 -0.72 -18.31
CA PHE B 314 -0.18 -1.47 -17.76
C PHE B 314 0.54 -2.24 -18.87
N TRP B 315 1.85 -2.39 -18.72
CA TRP B 315 2.59 -3.05 -19.79
C TRP B 315 3.85 -3.71 -19.25
N THR B 316 4.33 -4.68 -20.02
CA THR B 316 5.64 -5.29 -19.85
C THR B 316 6.38 -5.22 -21.18
N ARG B 317 7.71 -5.38 -21.10
CA ARG B 317 8.52 -5.42 -22.32
C ARG B 317 8.09 -6.58 -23.20
N SER B 318 7.87 -7.75 -22.59
CA SER B 318 7.38 -8.94 -23.29
C SER B 318 6.07 -8.68 -24.03
N TYR B 319 5.09 -8.10 -23.34
CA TYR B 319 3.80 -7.84 -23.96
C TYR B 319 3.93 -6.86 -25.13
N ILE B 320 4.67 -5.77 -24.93
CA ILE B 320 4.77 -4.74 -25.98
C ILE B 320 5.55 -5.25 -27.18
N LYS B 321 6.61 -6.03 -26.95
CA LYS B 321 7.37 -6.57 -28.08
C LYS B 321 6.53 -7.55 -28.88
N SER B 322 5.72 -8.37 -28.21
CA SER B 322 4.80 -9.25 -28.91
C SER B 322 3.77 -8.45 -29.70
N LYS B 323 3.20 -7.40 -29.10
CA LYS B 323 2.25 -6.56 -29.81
C LYS B 323 2.89 -5.91 -31.03
N LEU B 324 4.12 -5.37 -30.88
CA LEU B 324 4.80 -4.73 -32.00
C LEU B 324 5.06 -5.72 -33.13
N GLU B 325 5.40 -6.97 -32.77
CA GLU B 325 5.64 -7.98 -33.80
C GLU B 325 4.37 -8.27 -34.60
N LYS B 326 3.23 -8.37 -33.92
CA LYS B 326 1.99 -8.62 -34.63
C LYS B 326 1.61 -7.44 -35.53
N LEU B 327 1.94 -6.23 -35.13
CA LEU B 327 1.67 -5.07 -35.97
C LEU B 327 2.69 -4.89 -37.08
N SER B 328 3.81 -5.62 -37.05
CA SER B 328 5.02 -5.37 -37.83
C SER B 328 4.77 -5.12 -39.32
N ASN B 329 4.36 -6.15 -40.05
CA ASN B 329 4.19 -6.06 -41.50
C ASN B 329 2.72 -6.15 -41.90
N VAL B 330 1.88 -5.48 -41.14
CA VAL B 330 0.47 -5.39 -41.47
C VAL B 330 0.22 -4.05 -42.14
N ASP B 331 -0.89 -3.98 -42.86
CA ASP B 331 -1.26 -2.79 -43.62
C ASP B 331 -1.40 -1.57 -42.72
N VAL B 332 -2.24 -1.69 -41.70
CA VAL B 332 -2.58 -0.57 -40.82
C VAL B 332 -1.32 0.00 -40.15
N LYS B 333 -1.29 1.32 -40.03
CA LYS B 333 -0.23 2.00 -39.30
C LYS B 333 -0.75 2.42 -37.93
N MET B 334 -0.05 1.97 -36.89
CA MET B 334 -0.40 2.30 -35.52
C MET B 334 0.83 2.71 -34.74
N LEU B 335 0.69 3.79 -33.98
CA LEU B 335 1.74 4.25 -33.08
C LEU B 335 1.32 3.90 -31.65
N ILE B 336 2.21 3.27 -30.91
CA ILE B 336 1.97 2.89 -29.52
C ILE B 336 2.72 3.84 -28.60
N ILE B 337 2.01 4.39 -27.62
CA ILE B 337 2.58 5.19 -26.54
C ILE B 337 2.44 4.41 -25.24
N VAL B 338 3.53 4.28 -24.50
CA VAL B 338 3.49 3.59 -23.22
C VAL B 338 3.81 4.60 -22.12
N ASN B 339 3.23 4.39 -20.96
CA ASN B 339 3.40 5.28 -19.82
C ASN B 339 4.47 4.68 -18.90
N ASP B 340 5.50 5.46 -18.60
CA ASP B 340 6.56 4.95 -17.75
C ASP B 340 6.06 4.59 -16.36
N GLU B 341 4.97 5.21 -15.91
CA GLU B 341 4.45 4.95 -14.57
C GLU B 341 3.63 3.67 -14.51
N LEU B 342 3.32 3.06 -15.66
CA LEU B 342 2.53 1.84 -15.71
C LEU B 342 3.35 0.63 -16.14
N LEU B 343 4.67 0.75 -16.18
CA LEU B 343 5.54 -0.39 -16.51
C LEU B 343 5.57 -1.37 -15.33
N ALA B 344 5.03 -2.56 -15.54
CA ALA B 344 4.98 -3.60 -14.49
C ALA B 344 6.10 -4.61 -14.67
N ASP B 345 7.30 -4.11 -14.94
CA ASP B 345 8.40 -4.95 -15.43
C ASP B 345 9.69 -4.19 -15.19
N LYS B 346 10.82 -4.86 -15.44
CA LYS B 346 12.11 -4.21 -15.30
C LYS B 346 12.31 -3.20 -16.42
N LEU B 347 13.11 -2.17 -16.15
CA LEU B 347 13.41 -1.15 -17.16
C LEU B 347 14.27 -1.75 -18.27
N GLY B 348 13.91 -1.44 -19.52
CA GLY B 348 14.65 -1.97 -20.65
C GLY B 348 14.61 -1.03 -21.83
N LYS B 349 15.44 -1.36 -22.82
CA LYS B 349 15.50 -0.61 -24.08
C LYS B 349 14.37 -1.08 -24.99
N ILE B 350 13.28 -0.33 -25.03
CA ILE B 350 12.20 -0.57 -25.96
C ILE B 350 12.23 0.54 -27.00
N HIS B 351 12.26 0.16 -28.27
CA HIS B 351 12.13 1.12 -29.35
C HIS B 351 10.90 0.75 -30.18
N ASP B 352 10.57 1.62 -31.13
CA ASP B 352 9.36 1.59 -31.94
C ASP B 352 8.13 1.98 -31.13
N VAL B 353 8.29 2.35 -29.86
CA VAL B 353 7.21 2.92 -29.07
C VAL B 353 7.71 4.24 -28.50
N ILE B 354 6.78 5.11 -28.16
CA ILE B 354 7.09 6.36 -27.50
C ILE B 354 6.79 6.19 -26.02
N VAL B 355 7.74 6.56 -25.17
CA VAL B 355 7.62 6.40 -23.74
C VAL B 355 7.32 7.75 -23.10
N MET B 356 6.27 7.79 -22.29
CA MET B 356 5.94 9.01 -21.58
C MET B 356 7.00 9.33 -20.53
N ARG B 357 7.08 10.59 -20.15
CA ARG B 357 8.05 11.01 -19.15
C ARG B 357 7.27 11.52 -17.93
N LYS B 358 7.36 10.75 -16.84
CA LYS B 358 6.57 11.01 -15.62
C LYS B 358 5.09 11.13 -15.95
N GLY B 359 4.59 10.22 -16.79
CA GLY B 359 3.19 10.19 -17.14
C GLY B 359 2.71 11.24 -18.11
N LYS B 360 3.62 11.97 -18.75
CA LYS B 360 3.30 13.03 -19.70
C LYS B 360 3.77 12.65 -21.09
N ILE B 361 2.98 12.98 -22.10
CA ILE B 361 3.32 12.62 -23.48
C ILE B 361 4.43 13.54 -23.97
N PRO B 362 5.44 13.02 -24.70
CA PRO B 362 6.46 13.92 -25.29
C PRO B 362 6.04 14.36 -26.68
N TYR B 363 5.52 15.58 -26.82
CA TYR B 363 4.83 15.93 -28.05
C TYR B 363 5.77 16.04 -29.25
N LYS B 364 7.01 16.49 -29.06
CA LYS B 364 7.94 16.56 -30.19
C LYS B 364 8.18 15.20 -30.80
N GLU B 365 8.43 14.19 -29.96
CA GLU B 365 8.61 12.82 -30.44
C GLU B 365 7.36 12.32 -31.15
N VAL B 366 6.19 12.53 -30.55
CA VAL B 366 4.96 11.97 -31.12
C VAL B 366 4.69 12.61 -32.49
N ILE B 367 4.76 13.93 -32.56
CA ILE B 367 4.49 14.65 -33.80
C ILE B 367 5.46 14.26 -34.91
N LEU B 368 6.75 14.17 -34.59
CA LEU B 368 7.72 13.78 -35.61
C LEU B 368 7.45 12.37 -36.12
N LYS B 369 7.12 11.45 -35.21
CA LYS B 369 6.77 10.10 -35.62
C LYS B 369 5.52 10.11 -36.49
N LEU B 370 4.47 10.83 -36.06
CA LEU B 370 3.24 10.89 -36.84
C LEU B 370 3.49 11.43 -38.25
N LYS B 371 4.31 12.48 -38.37
CA LYS B 371 4.64 13.02 -39.69
C LYS B 371 5.31 11.98 -40.59
N GLU B 372 6.23 11.19 -40.03
CA GLU B 372 6.86 10.13 -40.82
C GLU B 372 5.83 9.10 -41.26
N MET B 373 4.92 8.70 -40.36
CA MET B 373 3.87 7.76 -40.76
C MET B 373 2.87 8.41 -41.72
N LEU B 374 2.68 9.73 -41.66
CA LEU B 374 1.65 10.35 -42.49
C LEU B 374 2.16 10.76 -43.86
N ASN B 375 3.09 10.01 -44.45
CA ASN B 375 3.69 10.40 -45.72
C ASN B 375 4.42 9.24 -46.38
S SO4 C . 29.60 -22.03 17.53
O1 SO4 C . 29.14 -21.89 16.14
O2 SO4 C . 28.46 -22.22 18.44
O3 SO4 C . 30.46 -23.21 17.56
O4 SO4 C . 30.34 -20.85 17.93
#